data_7AL0
# 
_entry.id   7AL0 
# 
_audit_conform.dict_name       mmcif_pdbx.dic 
_audit_conform.dict_version    5.397 
_audit_conform.dict_location   http://mmcif.pdb.org/dictionaries/ascii/mmcif_pdbx.dic 
# 
loop_
_database_2.database_id 
_database_2.database_code 
_database_2.pdbx_database_accession 
_database_2.pdbx_DOI 
PDB   7AL0         pdb_00007al0 10.2210/pdb7al0/pdb 
WWPDB D_1292111588 ?            ?                   
# 
loop_
_pdbx_audit_revision_history.ordinal 
_pdbx_audit_revision_history.data_content_type 
_pdbx_audit_revision_history.major_revision 
_pdbx_audit_revision_history.minor_revision 
_pdbx_audit_revision_history.revision_date 
1 'Structure model' 1 0 2021-04-21 
2 'Structure model' 1 1 2021-04-28 
3 'Structure model' 1 2 2021-05-05 
4 'Structure model' 1 3 2024-10-23 
# 
_pdbx_audit_revision_details.ordinal             1 
_pdbx_audit_revision_details.revision_ordinal    1 
_pdbx_audit_revision_details.data_content_type   'Structure model' 
_pdbx_audit_revision_details.provider            repository 
_pdbx_audit_revision_details.type                'Initial release' 
_pdbx_audit_revision_details.description         ? 
_pdbx_audit_revision_details.details             ? 
# 
loop_
_pdbx_audit_revision_group.ordinal 
_pdbx_audit_revision_group.revision_ordinal 
_pdbx_audit_revision_group.data_content_type 
_pdbx_audit_revision_group.group 
1 2 'Structure model' 'Database references' 
2 3 'Structure model' 'Database references' 
3 4 'Structure model' 'Data collection'     
4 4 'Structure model' 'Database references' 
5 4 'Structure model' 'Structure summary'   
# 
loop_
_pdbx_audit_revision_category.ordinal 
_pdbx_audit_revision_category.revision_ordinal 
_pdbx_audit_revision_category.data_content_type 
_pdbx_audit_revision_category.category 
1 2 'Structure model' citation_author           
2 3 'Structure model' citation                  
3 3 'Structure model' citation_author           
4 4 'Structure model' chem_comp_atom            
5 4 'Structure model' chem_comp_bond            
6 4 'Structure model' database_2                
7 4 'Structure model' pdbx_entry_details        
8 4 'Structure model' pdbx_modification_feature 
# 
loop_
_pdbx_audit_revision_item.ordinal 
_pdbx_audit_revision_item.revision_ordinal 
_pdbx_audit_revision_item.data_content_type 
_pdbx_audit_revision_item.item 
1 3 'Structure model' '_citation.journal_volume'                     
2 3 'Structure model' '_citation.pdbx_database_id_DOI'               
3 3 'Structure model' '_citation.pdbx_database_id_PubMed'            
4 3 'Structure model' '_citation.title'                              
5 4 'Structure model' '_database_2.pdbx_DOI'                         
6 4 'Structure model' '_database_2.pdbx_database_accession'          
7 4 'Structure model' '_pdbx_entry_details.has_protein_modification' 
# 
_pdbx_database_status.status_code                     REL 
_pdbx_database_status.status_code_sf                  REL 
_pdbx_database_status.status_code_mr                  ? 
_pdbx_database_status.entry_id                        7AL0 
_pdbx_database_status.recvd_initial_deposition_date   2020-10-03 
_pdbx_database_status.SG_entry                        N 
_pdbx_database_status.deposit_site                    PDBE 
_pdbx_database_status.process_site                    PDBE 
_pdbx_database_status.status_code_cs                  ? 
_pdbx_database_status.status_code_nmr_data            ? 
_pdbx_database_status.methods_development_category    ? 
_pdbx_database_status.pdb_format_compatible           Y 
# 
loop_
_audit_author.name 
_audit_author.pdbx_ordinal 
_audit_author.identifier_ORCID 
'Kascakova, B.'      1 ? 
'Prudnikova, T.'     2 ? 
'Kuta Smatanova, I.' 3 ? 
'Xu, X.'             4 ? 
# 
_citation.abstract                  ? 
_citation.abstract_id_CAS           ? 
_citation.book_id_ISBN              ? 
_citation.book_publisher            ? 
_citation.book_publisher_city       ? 
_citation.book_title                ? 
_citation.coordinate_linkage        ? 
_citation.country                   US 
_citation.database_id_Medline       ? 
_citation.details                   ? 
_citation.id                        primary 
_citation.journal_abbrev            Elife 
_citation.journal_id_ASTM           ? 
_citation.journal_id_CSD            ? 
_citation.journal_id_ISSN           2050-084X 
_citation.journal_full              ? 
_citation.journal_issue             ? 
_citation.journal_volume            10 
_citation.language                  ? 
_citation.page_first                ? 
_citation.page_last                 ? 
_citation.title                     
'Characterization and functional analysis of cathelicidin-MH, a novel frog-derived peptide with anti-septicemic properties.' 
_citation.year                      2021 
_citation.database_id_CSD           ? 
_citation.pdbx_database_id_DOI      10.7554/eLife.64411 
_citation.pdbx_database_id_PubMed   33875135 
_citation.unpublished_flag          ? 
# 
loop_
_citation_author.citation_id 
_citation_author.name 
_citation_author.ordinal 
_citation_author.identifier_ORCID 
primary 'Chai, J.'        1  ?                   
primary 'Chen, X.'        2  ?                   
primary 'Ye, T.'          3  ?                   
primary 'Zeng, B.'        4  ?                   
primary 'Zeng, Q.'        5  ?                   
primary 'Wu, J.'          6  ?                   
primary 'Kascakova, B.'   7  ?                   
primary 'Martins, L.A.'   8  0000-0001-8127-6276 
primary 'Prudnikova, T.'  9  ?                   
primary 'Smatanova, I.K.' 10 0000-0002-1337-9481 
primary 'Kotsyfakis, M.'  11 0000-0002-7526-1876 
primary 'Xu, X.'          12 0000-0002-4525-5803 
# 
loop_
_entity.id 
_entity.type 
_entity.src_method 
_entity.pdbx_description 
_entity.formula_weight 
_entity.pdbx_number_of_molecules 
_entity.pdbx_ec 
_entity.pdbx_mutation 
_entity.pdbx_fragment 
_entity.details 
1 polymer     nat Heymonin       4270.392 1  ? ? ? ? 
2 non-polymer syn 'CHLORIDE ION' 35.453   2  ? ? ? ? 
3 water       nat water          18.015   11 ? ? ? ? 
# 
_entity_poly.entity_id                      1 
_entity_poly.type                           'polypeptide(L)' 
_entity_poly.nstd_linkage                   no 
_entity_poly.nstd_monomer                   no 
_entity_poly.pdbx_seq_one_letter_code       APCKLGCKIKKVKQKIKQKLKAKVNAVKTVIGKISEHLG 
_entity_poly.pdbx_seq_one_letter_code_can   APCKLGCKIKKVKQKIKQKLKAKVNAVKTVIGKISEHLG 
_entity_poly.pdbx_strand_id                 A 
_entity_poly.pdbx_target_identifier         ? 
# 
loop_
_pdbx_entity_nonpoly.entity_id 
_pdbx_entity_nonpoly.name 
_pdbx_entity_nonpoly.comp_id 
2 'CHLORIDE ION' CL  
3 water          HOH 
# 
loop_
_entity_poly_seq.entity_id 
_entity_poly_seq.num 
_entity_poly_seq.mon_id 
_entity_poly_seq.hetero 
1 1  ALA n 
1 2  PRO n 
1 3  CYS n 
1 4  LYS n 
1 5  LEU n 
1 6  GLY n 
1 7  CYS n 
1 8  LYS n 
1 9  ILE n 
1 10 LYS n 
1 11 LYS n 
1 12 VAL n 
1 13 LYS n 
1 14 GLN n 
1 15 LYS n 
1 16 ILE n 
1 17 LYS n 
1 18 GLN n 
1 19 LYS n 
1 20 LEU n 
1 21 LYS n 
1 22 ALA n 
1 23 LYS n 
1 24 VAL n 
1 25 ASN n 
1 26 ALA n 
1 27 VAL n 
1 28 LYS n 
1 29 THR n 
1 30 VAL n 
1 31 ILE n 
1 32 GLY n 
1 33 LYS n 
1 34 ILE n 
1 35 SER n 
1 36 GLU n 
1 37 HIS n 
1 38 LEU n 
1 39 GLY n 
# 
_entity_src_nat.entity_id                  1 
_entity_src_nat.pdbx_src_id                1 
_entity_src_nat.pdbx_alt_source_flag       sample 
_entity_src_nat.pdbx_beg_seq_num           1 
_entity_src_nat.pdbx_end_seq_num           39 
_entity_src_nat.common_name                ? 
_entity_src_nat.pdbx_organism_scientific   'Microhyla heymonsi' 
_entity_src_nat.pdbx_ncbi_taxonomy_id      143525 
_entity_src_nat.genus                      ? 
_entity_src_nat.species                    ? 
_entity_src_nat.strain                     ? 
_entity_src_nat.tissue                     ? 
_entity_src_nat.tissue_fraction            ? 
_entity_src_nat.pdbx_secretion             ? 
_entity_src_nat.pdbx_fragment              ? 
_entity_src_nat.pdbx_variant               ? 
_entity_src_nat.pdbx_cell_line             ? 
_entity_src_nat.pdbx_atcc                  ? 
_entity_src_nat.pdbx_cellular_location     ? 
_entity_src_nat.pdbx_organ                 ? 
_entity_src_nat.pdbx_organelle             ? 
_entity_src_nat.pdbx_cell                  ? 
_entity_src_nat.pdbx_plasmid_name          ? 
_entity_src_nat.pdbx_plasmid_details       ? 
_entity_src_nat.details                    ? 
# 
loop_
_chem_comp.id 
_chem_comp.type 
_chem_comp.mon_nstd_flag 
_chem_comp.name 
_chem_comp.pdbx_synonyms 
_chem_comp.formula 
_chem_comp.formula_weight 
ALA 'L-peptide linking' y ALANINE         ? 'C3 H7 N O2'     89.093  
ASN 'L-peptide linking' y ASPARAGINE      ? 'C4 H8 N2 O3'    132.118 
CL  non-polymer         . 'CHLORIDE ION'  ? 'Cl -1'          35.453  
CYS 'L-peptide linking' y CYSTEINE        ? 'C3 H7 N O2 S'   121.158 
GLN 'L-peptide linking' y GLUTAMINE       ? 'C5 H10 N2 O3'   146.144 
GLU 'L-peptide linking' y 'GLUTAMIC ACID' ? 'C5 H9 N O4'     147.129 
GLY 'peptide linking'   y GLYCINE         ? 'C2 H5 N O2'     75.067  
HIS 'L-peptide linking' y HISTIDINE       ? 'C6 H10 N3 O2 1' 156.162 
HOH non-polymer         . WATER           ? 'H2 O'           18.015  
ILE 'L-peptide linking' y ISOLEUCINE      ? 'C6 H13 N O2'    131.173 
LEU 'L-peptide linking' y LEUCINE         ? 'C6 H13 N O2'    131.173 
LYS 'L-peptide linking' y LYSINE          ? 'C6 H15 N2 O2 1' 147.195 
PRO 'L-peptide linking' y PROLINE         ? 'C5 H9 N O2'     115.130 
SER 'L-peptide linking' y SERINE          ? 'C3 H7 N O3'     105.093 
THR 'L-peptide linking' y THREONINE       ? 'C4 H9 N O3'     119.119 
VAL 'L-peptide linking' y VALINE          ? 'C5 H11 N O2'    117.146 
# 
loop_
_pdbx_poly_seq_scheme.asym_id 
_pdbx_poly_seq_scheme.entity_id 
_pdbx_poly_seq_scheme.seq_id 
_pdbx_poly_seq_scheme.mon_id 
_pdbx_poly_seq_scheme.ndb_seq_num 
_pdbx_poly_seq_scheme.pdb_seq_num 
_pdbx_poly_seq_scheme.auth_seq_num 
_pdbx_poly_seq_scheme.pdb_mon_id 
_pdbx_poly_seq_scheme.auth_mon_id 
_pdbx_poly_seq_scheme.pdb_strand_id 
_pdbx_poly_seq_scheme.pdb_ins_code 
_pdbx_poly_seq_scheme.hetero 
A 1 1  ALA 1  1  1  ALA ALA A . n 
A 1 2  PRO 2  2  2  PRO PRO A . n 
A 1 3  CYS 3  3  3  CYS CYS A . n 
A 1 4  LYS 4  4  4  LYS LYS A . n 
A 1 5  LEU 5  5  5  LEU LEU A . n 
A 1 6  GLY 6  6  6  GLY GLY A . n 
A 1 7  CYS 7  7  7  CYS CYS A . n 
A 1 8  LYS 8  8  8  LYS LYS A . n 
A 1 9  ILE 9  9  9  ILE ILE A . n 
A 1 10 LYS 10 10 10 LYS LYS A . n 
A 1 11 LYS 11 11 11 LYS LYS A . n 
A 1 12 VAL 12 12 12 VAL VAL A . n 
A 1 13 LYS 13 13 13 LYS LYS A . n 
A 1 14 GLN 14 14 14 GLN GLN A . n 
A 1 15 LYS 15 15 15 LYS LYS A . n 
A 1 16 ILE 16 16 16 ILE ILE A . n 
A 1 17 LYS 17 17 17 LYS LYS A . n 
A 1 18 GLN 18 18 18 GLN GLN A . n 
A 1 19 LYS 19 19 19 LYS LYS A . n 
A 1 20 LEU 20 20 20 LEU LEU A . n 
A 1 21 LYS 21 21 21 LYS LYS A . n 
A 1 22 ALA 22 22 22 ALA ALA A . n 
A 1 23 LYS 23 23 23 LYS LYS A . n 
A 1 24 VAL 24 24 24 VAL VAL A . n 
A 1 25 ASN 25 25 25 ASN ASN A . n 
A 1 26 ALA 26 26 26 ALA ALA A . n 
A 1 27 VAL 27 27 27 VAL VAL A . n 
A 1 28 LYS 28 28 28 LYS LYS A . n 
A 1 29 THR 29 29 29 THR THR A . n 
A 1 30 VAL 30 30 30 VAL VAL A . n 
A 1 31 ILE 31 31 31 ILE ILE A . n 
A 1 32 GLY 32 32 32 GLY GLY A . n 
A 1 33 LYS 33 33 33 LYS LYS A . n 
A 1 34 ILE 34 34 34 ILE ILE A . n 
A 1 35 SER 35 35 35 SER SER A . n 
A 1 36 GLU 36 36 36 GLU GLU A . n 
A 1 37 HIS 37 37 37 HIS HIS A . n 
A 1 38 LEU 38 38 38 LEU LEU A . n 
A 1 39 GLY 39 39 39 GLY GLY A . n 
# 
loop_
_pdbx_nonpoly_scheme.asym_id 
_pdbx_nonpoly_scheme.entity_id 
_pdbx_nonpoly_scheme.mon_id 
_pdbx_nonpoly_scheme.ndb_seq_num 
_pdbx_nonpoly_scheme.pdb_seq_num 
_pdbx_nonpoly_scheme.auth_seq_num 
_pdbx_nonpoly_scheme.pdb_mon_id 
_pdbx_nonpoly_scheme.auth_mon_id 
_pdbx_nonpoly_scheme.pdb_strand_id 
_pdbx_nonpoly_scheme.pdb_ins_code 
B 2 CL  1  101 1  CL  CL  A . 
C 2 CL  1  102 2  CL  CL  A . 
D 3 HOH 1  201 1  HOH HOH A . 
D 3 HOH 2  202 12 HOH HOH A . 
D 3 HOH 3  203 3  HOH HOH A . 
D 3 HOH 4  204 2  HOH HOH A . 
D 3 HOH 5  205 4  HOH HOH A . 
D 3 HOH 6  206 11 HOH HOH A . 
D 3 HOH 7  207 7  HOH HOH A . 
D 3 HOH 8  208 13 HOH HOH A . 
D 3 HOH 9  209 5  HOH HOH A . 
D 3 HOH 10 210 10 HOH HOH A . 
D 3 HOH 11 211 6  HOH HOH A . 
# 
loop_
_software.citation_id 
_software.classification 
_software.compiler_name 
_software.compiler_version 
_software.contact_author 
_software.contact_author_email 
_software.date 
_software.description 
_software.dependencies 
_software.hardware 
_software.language 
_software.location 
_software.mods 
_software.name 
_software.os 
_software.os_version 
_software.type 
_software.version 
_software.pdbx_ordinal 
? 'data processing' ? ? ? ? ? ? ? ? ? ? ? XDS         ? ? ? .        1 
? refinement        ? ? ? ? ? ? ? ? ? ? ? REFMAC      ? ? ? 5.8.0258 2 
? 'data extraction' ? ? ? ? ? ? ? ? ? ? ? PDB_EXTRACT ? ? ? 3.25     3 
# 
_cell.angle_alpha                  90.000 
_cell.angle_alpha_esd              ? 
_cell.angle_beta                   90.000 
_cell.angle_beta_esd               ? 
_cell.angle_gamma                  120.000 
_cell.angle_gamma_esd              ? 
_cell.entry_id                     7AL0 
_cell.details                      ? 
_cell.formula_units_Z              ? 
_cell.length_a                     53.800 
_cell.length_a_esd                 ? 
_cell.length_b                     53.800 
_cell.length_b_esd                 ? 
_cell.length_c                     64.326 
_cell.length_c_esd                 ? 
_cell.volume                       ? 
_cell.volume_esd                   ? 
_cell.Z_PDB                        18 
_cell.reciprocal_angle_alpha       ? 
_cell.reciprocal_angle_beta        ? 
_cell.reciprocal_angle_gamma       ? 
_cell.reciprocal_angle_alpha_esd   ? 
_cell.reciprocal_angle_beta_esd    ? 
_cell.reciprocal_angle_gamma_esd   ? 
_cell.reciprocal_length_a          ? 
_cell.reciprocal_length_b          ? 
_cell.reciprocal_length_c          ? 
_cell.reciprocal_length_a_esd      ? 
_cell.reciprocal_length_b_esd      ? 
_cell.reciprocal_length_c_esd      ? 
_cell.pdbx_unique_axis             ? 
# 
_symmetry.entry_id                         7AL0 
_symmetry.cell_setting                     ? 
_symmetry.Int_Tables_number                155 
_symmetry.space_group_name_Hall            ? 
_symmetry.space_group_name_H-M             'H 3 2' 
_symmetry.pdbx_full_space_group_name_H-M   ? 
# 
_exptl.absorpt_coefficient_mu     ? 
_exptl.absorpt_correction_T_max   ? 
_exptl.absorpt_correction_T_min   ? 
_exptl.absorpt_correction_type    ? 
_exptl.absorpt_process_details    ? 
_exptl.entry_id                   7AL0 
_exptl.crystals_number            1 
_exptl.details                    ? 
_exptl.method                     'X-RAY DIFFRACTION' 
_exptl.method_details             ? 
# 
_exptl_crystal.colour                      ? 
_exptl_crystal.density_diffrn              ? 
_exptl_crystal.density_Matthews            2.10 
_exptl_crystal.density_method              ? 
_exptl_crystal.density_percent_sol         41.36 
_exptl_crystal.description                 ? 
_exptl_crystal.F_000                       ? 
_exptl_crystal.id                          1 
_exptl_crystal.preparation                 ? 
_exptl_crystal.size_max                    ? 
_exptl_crystal.size_mid                    ? 
_exptl_crystal.size_min                    ? 
_exptl_crystal.size_rad                    ? 
_exptl_crystal.colour_lustre               ? 
_exptl_crystal.colour_modifier             ? 
_exptl_crystal.colour_primary              ? 
_exptl_crystal.density_meas                ? 
_exptl_crystal.density_meas_esd            ? 
_exptl_crystal.density_meas_gt             ? 
_exptl_crystal.density_meas_lt             ? 
_exptl_crystal.density_meas_temp           ? 
_exptl_crystal.density_meas_temp_esd       ? 
_exptl_crystal.density_meas_temp_gt        ? 
_exptl_crystal.density_meas_temp_lt        ? 
_exptl_crystal.pdbx_crystal_image_url      ? 
_exptl_crystal.pdbx_crystal_image_format   ? 
_exptl_crystal.pdbx_mosaicity              ? 
_exptl_crystal.pdbx_mosaicity_esd          ? 
# 
_exptl_crystal_grow.apparatus       ? 
_exptl_crystal_grow.atmosphere      ? 
_exptl_crystal_grow.crystal_id      1 
_exptl_crystal_grow.details         ? 
_exptl_crystal_grow.method          'VAPOR DIFFUSION, SITTING DROP' 
_exptl_crystal_grow.method_ref      ? 
_exptl_crystal_grow.pH              ? 
_exptl_crystal_grow.pressure        ? 
_exptl_crystal_grow.pressure_esd    ? 
_exptl_crystal_grow.seeding         ? 
_exptl_crystal_grow.seeding_ref     ? 
_exptl_crystal_grow.temp            277 
_exptl_crystal_grow.temp_details    ? 
_exptl_crystal_grow.temp_esd        ? 
_exptl_crystal_grow.time            ? 
_exptl_crystal_grow.pdbx_details    'ammonium sulphate' 
_exptl_crystal_grow.pdbx_pH_range   ? 
# 
_diffrn.ambient_environment              ? 
_diffrn.ambient_temp                     100 
_diffrn.ambient_temp_details             ? 
_diffrn.ambient_temp_esd                 ? 
_diffrn.crystal_id                       1 
_diffrn.crystal_support                  ? 
_diffrn.crystal_treatment                ? 
_diffrn.details                          ? 
_diffrn.id                               1 
_diffrn.ambient_pressure                 ? 
_diffrn.ambient_pressure_esd             ? 
_diffrn.ambient_pressure_gt              ? 
_diffrn.ambient_pressure_lt              ? 
_diffrn.ambient_temp_gt                  ? 
_diffrn.ambient_temp_lt                  ? 
_diffrn.pdbx_serial_crystal_experiment   N 
# 
_diffrn_detector.details                      ? 
_diffrn_detector.detector                     PIXEL 
_diffrn_detector.diffrn_id                    1 
_diffrn_detector.type                         'DECTRIS PILATUS3 2M' 
_diffrn_detector.area_resol_mean              ? 
_diffrn_detector.dtime                        ? 
_diffrn_detector.pdbx_frames_total            ? 
_diffrn_detector.pdbx_collection_time_total   ? 
_diffrn_detector.pdbx_collection_date         2020-01-30 
_diffrn_detector.pdbx_frequency               ? 
# 
_diffrn_radiation.collimation                      ? 
_diffrn_radiation.diffrn_id                        1 
_diffrn_radiation.filter_edge                      ? 
_diffrn_radiation.inhomogeneity                    ? 
_diffrn_radiation.monochromator                    ? 
_diffrn_radiation.polarisn_norm                    ? 
_diffrn_radiation.polarisn_ratio                   ? 
_diffrn_radiation.probe                            ? 
_diffrn_radiation.type                             ? 
_diffrn_radiation.xray_symbol                      ? 
_diffrn_radiation.wavelength_id                    1 
_diffrn_radiation.pdbx_monochromatic_or_laue_m_l   M 
_diffrn_radiation.pdbx_wavelength_list             ? 
_diffrn_radiation.pdbx_wavelength                  ? 
_diffrn_radiation.pdbx_diffrn_protocol             'SINGLE WAVELENGTH' 
_diffrn_radiation.pdbx_analyzer                    ? 
_diffrn_radiation.pdbx_scattering_type             x-ray 
# 
_diffrn_radiation_wavelength.id           1 
_diffrn_radiation_wavelength.wavelength   0.9184 
_diffrn_radiation_wavelength.wt           1.0 
# 
_diffrn_source.current                     ? 
_diffrn_source.details                     ? 
_diffrn_source.diffrn_id                   1 
_diffrn_source.power                       ? 
_diffrn_source.size                        ? 
_diffrn_source.source                      SYNCHROTRON 
_diffrn_source.target                      ? 
_diffrn_source.type                        'BESSY BEAMLINE 14.2' 
_diffrn_source.voltage                     ? 
_diffrn_source.take-off_angle              ? 
_diffrn_source.pdbx_wavelength_list        0.9184 
_diffrn_source.pdbx_wavelength             ? 
_diffrn_source.pdbx_synchrotron_beamline   14.2 
_diffrn_source.pdbx_synchrotron_site       BESSY 
# 
_reflns.B_iso_Wilson_estimate            ? 
_reflns.entry_id                         7AL0 
_reflns.data_reduction_details           ? 
_reflns.data_reduction_method            ? 
_reflns.d_resolution_high                2.20 
_reflns.d_resolution_low                 37.73 
_reflns.details                          ? 
_reflns.limit_h_max                      ? 
_reflns.limit_h_min                      ? 
_reflns.limit_k_max                      ? 
_reflns.limit_k_min                      ? 
_reflns.limit_l_max                      ? 
_reflns.limit_l_min                      ? 
_reflns.number_all                       ? 
_reflns.number_obs                       1912 
_reflns.observed_criterion               ? 
_reflns.observed_criterion_F_max         ? 
_reflns.observed_criterion_F_min         ? 
_reflns.observed_criterion_I_max         ? 
_reflns.observed_criterion_I_min         ? 
_reflns.observed_criterion_sigma_F       ? 
_reflns.observed_criterion_sigma_I       ? 
_reflns.percent_possible_obs             98.0 
_reflns.R_free_details                   ? 
_reflns.Rmerge_F_all                     ? 
_reflns.Rmerge_F_obs                     ? 
_reflns.Friedel_coverage                 ? 
_reflns.number_gt                        ? 
_reflns.threshold_expression             ? 
_reflns.pdbx_redundancy                  6.7 
_reflns.pdbx_Rmerge_I_obs                ? 
_reflns.pdbx_Rmerge_I_all                ? 
_reflns.pdbx_Rsym_value                  ? 
_reflns.pdbx_netI_over_av_sigmaI         ? 
_reflns.pdbx_netI_over_sigmaI            28.83 
_reflns.pdbx_res_netI_over_av_sigmaI_2   ? 
_reflns.pdbx_res_netI_over_sigmaI_2      ? 
_reflns.pdbx_chi_squared                 ? 
_reflns.pdbx_scaling_rejects             ? 
_reflns.pdbx_d_res_high_opt              ? 
_reflns.pdbx_d_res_low_opt               ? 
_reflns.pdbx_d_res_opt_method            ? 
_reflns.phase_calculation_details        ? 
_reflns.pdbx_Rrim_I_all                  ? 
_reflns.pdbx_Rpim_I_all                  ? 
_reflns.pdbx_d_opt                       ? 
_reflns.pdbx_number_measured_all         ? 
_reflns.pdbx_diffrn_id                   1 
_reflns.pdbx_ordinal                     1 
_reflns.pdbx_CC_half                     1 
_reflns.pdbx_CC_star                     ? 
_reflns.pdbx_R_split                     ? 
# 
_reflns_shell.d_res_high                  2.20 
_reflns_shell.d_res_low                   2.34 
_reflns_shell.meanI_over_sigI_all         ? 
_reflns_shell.meanI_over_sigI_obs         ? 
_reflns_shell.number_measured_all         ? 
_reflns_shell.number_measured_obs         ? 
_reflns_shell.number_possible             ? 
_reflns_shell.number_unique_all           ? 
_reflns_shell.number_unique_obs           1912 
_reflns_shell.percent_possible_all        ? 
_reflns_shell.percent_possible_obs        ? 
_reflns_shell.Rmerge_F_all                ? 
_reflns_shell.Rmerge_F_obs                ? 
_reflns_shell.Rmerge_I_all                ? 
_reflns_shell.Rmerge_I_obs                ? 
_reflns_shell.meanI_over_sigI_gt          ? 
_reflns_shell.meanI_over_uI_all           ? 
_reflns_shell.meanI_over_uI_gt            ? 
_reflns_shell.number_measured_gt          ? 
_reflns_shell.number_unique_gt            ? 
_reflns_shell.percent_possible_gt         ? 
_reflns_shell.Rmerge_F_gt                 ? 
_reflns_shell.Rmerge_I_gt                 ? 
_reflns_shell.pdbx_redundancy             ? 
_reflns_shell.pdbx_Rsym_value             ? 
_reflns_shell.pdbx_chi_squared            ? 
_reflns_shell.pdbx_netI_over_sigmaI_all   ? 
_reflns_shell.pdbx_netI_over_sigmaI_obs   ? 
_reflns_shell.pdbx_Rrim_I_all             ? 
_reflns_shell.pdbx_Rpim_I_all             ? 
_reflns_shell.pdbx_rejects                ? 
_reflns_shell.pdbx_ordinal                1 
_reflns_shell.pdbx_diffrn_id              1 
_reflns_shell.pdbx_CC_half                0.971 
_reflns_shell.pdbx_CC_star                ? 
_reflns_shell.pdbx_R_split                ? 
# 
_refine.aniso_B[1][1]                            2.0800 
_refine.aniso_B[1][2]                            1.0400 
_refine.aniso_B[1][3]                            0.0000 
_refine.aniso_B[2][2]                            2.0800 
_refine.aniso_B[2][3]                            0.0000 
_refine.aniso_B[3][3]                            -6.7600 
_refine.B_iso_max                                152.800 
_refine.B_iso_mean                               57.2920 
_refine.B_iso_min                                33.670 
_refine.correlation_coeff_Fo_to_Fc               0.9450 
_refine.correlation_coeff_Fo_to_Fc_free          0.9140 
_refine.details                                  
'HYDROGENS HAVE BEEN ADDED IN THE RIDING POSITIONS U VALUES      : REFINED INDIVIDUALLY' 
_refine.diff_density_max                         ? 
_refine.diff_density_max_esd                     ? 
_refine.diff_density_min                         ? 
_refine.diff_density_min_esd                     ? 
_refine.diff_density_rms                         ? 
_refine.diff_density_rms_esd                     ? 
_refine.entry_id                                 7AL0 
_refine.pdbx_refine_id                           'X-RAY DIFFRACTION' 
_refine.ls_abs_structure_details                 ? 
_refine.ls_abs_structure_Flack                   ? 
_refine.ls_abs_structure_Flack_esd               ? 
_refine.ls_abs_structure_Rogers                  ? 
_refine.ls_abs_structure_Rogers_esd              ? 
_refine.ls_d_res_high                            2.2000 
_refine.ls_d_res_low                             37.7300 
_refine.ls_extinction_coef                       ? 
_refine.ls_extinction_coef_esd                   ? 
_refine.ls_extinction_expression                 ? 
_refine.ls_extinction_method                     ? 
_refine.ls_goodness_of_fit_all                   ? 
_refine.ls_goodness_of_fit_all_esd               ? 
_refine.ls_goodness_of_fit_obs                   ? 
_refine.ls_goodness_of_fit_obs_esd               ? 
_refine.ls_hydrogen_treatment                    ? 
_refine.ls_matrix_type                           ? 
_refine.ls_number_constraints                    ? 
_refine.ls_number_parameters                     ? 
_refine.ls_number_reflns_all                     ? 
_refine.ls_number_reflns_obs                     1816 
_refine.ls_number_reflns_R_free                  96 
_refine.ls_number_reflns_R_work                  ? 
_refine.ls_number_restraints                     ? 
_refine.ls_percent_reflns_obs                    99.3200 
_refine.ls_percent_reflns_R_free                 5.0000 
_refine.ls_R_factor_all                          ? 
_refine.ls_R_factor_obs                          0.2471 
_refine.ls_R_factor_R_free                       0.2737 
_refine.ls_R_factor_R_free_error                 ? 
_refine.ls_R_factor_R_free_error_details         ? 
_refine.ls_R_factor_R_work                       0.2457 
_refine.ls_R_Fsqd_factor_obs                     ? 
_refine.ls_R_I_factor_obs                        ? 
_refine.ls_redundancy_reflns_all                 ? 
_refine.ls_redundancy_reflns_obs                 ? 
_refine.ls_restrained_S_all                      ? 
_refine.ls_restrained_S_obs                      ? 
_refine.ls_shift_over_esd_max                    ? 
_refine.ls_shift_over_esd_mean                   ? 
_refine.ls_structure_factor_coef                 ? 
_refine.ls_weighting_details                     ? 
_refine.ls_weighting_scheme                      ? 
_refine.ls_wR_factor_all                         ? 
_refine.ls_wR_factor_obs                         ? 
_refine.ls_wR_factor_R_free                      ? 
_refine.ls_wR_factor_R_work                      ? 
_refine.occupancy_max                            ? 
_refine.occupancy_min                            ? 
_refine.solvent_model_details                    MASK 
_refine.solvent_model_param_bsol                 ? 
_refine.solvent_model_param_ksol                 ? 
_refine.pdbx_R_complete                          ? 
_refine.ls_R_factor_gt                           ? 
_refine.ls_goodness_of_fit_gt                    ? 
_refine.ls_goodness_of_fit_ref                   ? 
_refine.ls_shift_over_su_max                     ? 
_refine.ls_shift_over_su_max_lt                  ? 
_refine.ls_shift_over_su_mean                    ? 
_refine.ls_shift_over_su_mean_lt                 ? 
_refine.pdbx_ls_sigma_I                          ? 
_refine.pdbx_ls_sigma_F                          0.000 
_refine.pdbx_ls_sigma_Fsqd                       ? 
_refine.pdbx_data_cutoff_high_absF               ? 
_refine.pdbx_data_cutoff_high_rms_absF           ? 
_refine.pdbx_data_cutoff_low_absF                ? 
_refine.pdbx_isotropic_thermal_model             ? 
_refine.pdbx_ls_cross_valid_method               THROUGHOUT 
_refine.pdbx_method_to_determine_struct          'AB INITIO PHASING' 
_refine.pdbx_starting_model                      ? 
_refine.pdbx_stereochemistry_target_values       'MAXIMUM LIKELIHOOD' 
_refine.pdbx_R_Free_selection_details            RANDOM 
_refine.pdbx_stereochem_target_val_spec_case     ? 
_refine.pdbx_overall_ESU_R                       0.4090 
_refine.pdbx_overall_ESU_R_Free                  0.2550 
_refine.pdbx_solvent_vdw_probe_radii             1.2000 
_refine.pdbx_solvent_ion_probe_radii             0.8000 
_refine.pdbx_solvent_shrinkage_radii             0.8000 
_refine.pdbx_real_space_R                        ? 
_refine.pdbx_density_correlation                 ? 
_refine.pdbx_pd_number_of_powder_patterns        ? 
_refine.pdbx_pd_number_of_points                 ? 
_refine.pdbx_pd_meas_number_of_points            ? 
_refine.pdbx_pd_proc_ls_prof_R_factor            ? 
_refine.pdbx_pd_proc_ls_prof_wR_factor           ? 
_refine.pdbx_pd_Marquardt_correlation_coeff      ? 
_refine.pdbx_pd_Fsqrd_R_factor                   ? 
_refine.pdbx_pd_ls_matrix_band_width             ? 
_refine.pdbx_overall_phase_error                 ? 
_refine.pdbx_overall_SU_R_free_Cruickshank_DPI   ? 
_refine.pdbx_overall_SU_R_free_Blow_DPI          ? 
_refine.pdbx_overall_SU_R_Blow_DPI               ? 
_refine.pdbx_TLS_residual_ADP_flag               ? 
_refine.pdbx_diffrn_id                           1 
_refine.overall_SU_B                             ? 
_refine.overall_SU_ML                            ? 
_refine.overall_SU_R_Cruickshank_DPI             ? 
_refine.overall_SU_R_free                        ? 
_refine.overall_FOM_free_R_set                   ? 
_refine.overall_FOM_work_R_set                   ? 
_refine.pdbx_average_fsc_overall                 ? 
_refine.pdbx_average_fsc_work                    ? 
_refine.pdbx_average_fsc_free                    ? 
# 
_refine_hist.pdbx_refine_id                   'X-RAY DIFFRACTION' 
_refine_hist.cycle_id                         final 
_refine_hist.details                          ? 
_refine_hist.d_res_high                       2.2000 
_refine_hist.d_res_low                        37.7300 
_refine_hist.number_atoms_solvent             13 
_refine_hist.number_atoms_total               312 
_refine_hist.number_reflns_all                ? 
_refine_hist.number_reflns_obs                ? 
_refine_hist.number_reflns_R_free             ? 
_refine_hist.number_reflns_R_work             ? 
_refine_hist.R_factor_all                     ? 
_refine_hist.R_factor_obs                     ? 
_refine_hist.R_factor_R_free                  ? 
_refine_hist.R_factor_R_work                  ? 
_refine_hist.pdbx_number_residues_total       39 
_refine_hist.pdbx_B_iso_mean_ligand           75.20 
_refine_hist.pdbx_B_iso_mean_solvent          64.72 
_refine_hist.pdbx_number_atoms_protein        297 
_refine_hist.pdbx_number_atoms_nucleic_acid   0 
_refine_hist.pdbx_number_atoms_ligand         2 
_refine_hist.pdbx_number_atoms_lipid          ? 
_refine_hist.pdbx_number_atoms_carb           ? 
_refine_hist.pdbx_pseudo_atom_details         ? 
# 
loop_
_refine_ls_restr.pdbx_refine_id 
_refine_ls_restr.criterion 
_refine_ls_restr.dev_ideal 
_refine_ls_restr.dev_ideal_target 
_refine_ls_restr.number 
_refine_ls_restr.rejects 
_refine_ls_restr.type 
_refine_ls_restr.weight 
_refine_ls_restr.pdbx_restraint_function 
'X-RAY DIFFRACTION' ? 0.013  0.013  299 ? r_bond_refined_d       ? ? 
'X-RAY DIFFRACTION' ? 0.032  0.017  348 ? r_bond_other_d         ? ? 
'X-RAY DIFFRACTION' ? 1.650  1.651  394 ? r_angle_refined_deg    ? ? 
'X-RAY DIFFRACTION' ? 2.066  1.617  816 ? r_angle_other_deg      ? ? 
'X-RAY DIFFRACTION' ? 4.523  5.000  38  ? r_dihedral_angle_1_deg ? ? 
'X-RAY DIFFRACTION' ? 33.085 28.000 5   ? r_dihedral_angle_2_deg ? ? 
'X-RAY DIFFRACTION' ? 15.367 15.000 78  ? r_dihedral_angle_3_deg ? ? 
'X-RAY DIFFRACTION' ? 0.129  0.200  41  ? r_chiral_restr         ? ? 
'X-RAY DIFFRACTION' ? 0.003  0.020  297 ? r_gen_planes_refined   ? ? 
'X-RAY DIFFRACTION' ? 0.001  0.020  39  ? r_gen_planes_other     ? ? 
# 
_refine_ls_shell.pdbx_refine_id                   'X-RAY DIFFRACTION' 
_refine_ls_shell.d_res_high                       2.2020 
_refine_ls_shell.d_res_low                        2.2590 
_refine_ls_shell.number_reflns_all                134 
_refine_ls_shell.number_reflns_obs                ? 
_refine_ls_shell.number_reflns_R_free             7 
_refine_ls_shell.number_reflns_R_work             127 
_refine_ls_shell.percent_reflns_obs               97.8100 
_refine_ls_shell.percent_reflns_R_free            ? 
_refine_ls_shell.R_factor_all                     ? 
_refine_ls_shell.R_factor_obs                     ? 
_refine_ls_shell.R_factor_R_free                  0.2430 
_refine_ls_shell.R_factor_R_free_error            0.0000 
_refine_ls_shell.R_factor_R_work                  0.3570 
_refine_ls_shell.redundancy_reflns_all            ? 
_refine_ls_shell.redundancy_reflns_obs            ? 
_refine_ls_shell.wR_factor_all                    ? 
_refine_ls_shell.wR_factor_obs                    ? 
_refine_ls_shell.wR_factor_R_free                 ? 
_refine_ls_shell.wR_factor_R_work                 ? 
_refine_ls_shell.pdbx_R_complete                  ? 
_refine_ls_shell.pdbx_total_number_of_bins_used   20 
_refine_ls_shell.pdbx_phase_error                 ? 
_refine_ls_shell.pdbx_fsc_work                    ? 
_refine_ls_shell.pdbx_fsc_free                    ? 
# 
_struct.entry_id                     7AL0 
_struct.title                        'Crystal Structure of Heymonin, a Novel Frog-derived Peptide' 
_struct.pdbx_model_details           ? 
_struct.pdbx_formula_weight          ? 
_struct.pdbx_formula_weight_method   ? 
_struct.pdbx_model_type_details      ? 
_struct.pdbx_CASP_flag               N 
# 
_struct_keywords.entry_id        7AL0 
_struct_keywords.text            'Antimicrobial peptide, Inflammation, Microhyla heymonsivogt, ANTIMICROBIAL PROTEIN' 
_struct_keywords.pdbx_keywords   'ANTIMICROBIAL PROTEIN' 
# 
loop_
_struct_asym.id 
_struct_asym.pdbx_blank_PDB_chainid_flag 
_struct_asym.pdbx_modified 
_struct_asym.entity_id 
_struct_asym.details 
A N N 1 ? 
B N N 2 ? 
C N N 2 ? 
D N N 3 ? 
# 
_struct_ref.id                         1 
_struct_ref.db_name                    PDB 
_struct_ref.db_code                    7AL0 
_struct_ref.pdbx_db_accession          7AL0 
_struct_ref.pdbx_db_isoform            ? 
_struct_ref.entity_id                  1 
_struct_ref.pdbx_seq_one_letter_code   ? 
_struct_ref.pdbx_align_begin           1 
# 
_struct_ref_seq.align_id                      1 
_struct_ref_seq.ref_id                        1 
_struct_ref_seq.pdbx_PDB_id_code              7AL0 
_struct_ref_seq.pdbx_strand_id                A 
_struct_ref_seq.seq_align_beg                 1 
_struct_ref_seq.pdbx_seq_align_beg_ins_code   ? 
_struct_ref_seq.seq_align_end                 39 
_struct_ref_seq.pdbx_seq_align_end_ins_code   ? 
_struct_ref_seq.pdbx_db_accession             7AL0 
_struct_ref_seq.db_align_beg                  1 
_struct_ref_seq.pdbx_db_align_beg_ins_code    ? 
_struct_ref_seq.db_align_end                  39 
_struct_ref_seq.pdbx_db_align_end_ins_code    ? 
_struct_ref_seq.pdbx_auth_seq_align_beg       1 
_struct_ref_seq.pdbx_auth_seq_align_end       39 
# 
_pdbx_struct_assembly.id                   1 
_pdbx_struct_assembly.details              author_defined_assembly 
_pdbx_struct_assembly.method_details       ? 
_pdbx_struct_assembly.oligomeric_details   monomeric 
_pdbx_struct_assembly.oligomeric_count     1 
# 
loop_
_pdbx_struct_assembly_prop.biol_id 
_pdbx_struct_assembly_prop.type 
_pdbx_struct_assembly_prop.value 
_pdbx_struct_assembly_prop.details 
1 'ABSA (A^2)' 190  ? 
1 MORE         -12  ? 
1 'SSA (A^2)'  4080 ? 
# 
_pdbx_struct_assembly_gen.assembly_id       1 
_pdbx_struct_assembly_gen.oper_expression   1 
_pdbx_struct_assembly_gen.asym_id_list      A,B,C,D 
# 
_pdbx_struct_assembly_auth_evidence.id                     1 
_pdbx_struct_assembly_auth_evidence.assembly_id            1 
_pdbx_struct_assembly_auth_evidence.experimental_support   none 
_pdbx_struct_assembly_auth_evidence.details                ? 
# 
_pdbx_struct_oper_list.id                   1 
_pdbx_struct_oper_list.type                 'identity operation' 
_pdbx_struct_oper_list.name                 1_555 
_pdbx_struct_oper_list.symmetry_operation   x,y,z 
_pdbx_struct_oper_list.matrix[1][1]         1.0000000000 
_pdbx_struct_oper_list.matrix[1][2]         0.0000000000 
_pdbx_struct_oper_list.matrix[1][3]         0.0000000000 
_pdbx_struct_oper_list.vector[1]            0.0000000000 
_pdbx_struct_oper_list.matrix[2][1]         0.0000000000 
_pdbx_struct_oper_list.matrix[2][2]         1.0000000000 
_pdbx_struct_oper_list.matrix[2][3]         0.0000000000 
_pdbx_struct_oper_list.vector[2]            0.0000000000 
_pdbx_struct_oper_list.matrix[3][1]         0.0000000000 
_pdbx_struct_oper_list.matrix[3][2]         0.0000000000 
_pdbx_struct_oper_list.matrix[3][3]         1.0000000000 
_pdbx_struct_oper_list.vector[3]            0.0000000000 
# 
_struct_conf.conf_type_id            HELX_P 
_struct_conf.id                      HELX_P1 
_struct_conf.pdbx_PDB_helix_id       AA1 
_struct_conf.beg_label_comp_id       LYS 
_struct_conf.beg_label_asym_id       A 
_struct_conf.beg_label_seq_id        4 
_struct_conf.pdbx_beg_PDB_ins_code   ? 
_struct_conf.end_label_comp_id       SER 
_struct_conf.end_label_asym_id       A 
_struct_conf.end_label_seq_id        35 
_struct_conf.pdbx_end_PDB_ins_code   ? 
_struct_conf.beg_auth_comp_id        LYS 
_struct_conf.beg_auth_asym_id        A 
_struct_conf.beg_auth_seq_id         4 
_struct_conf.end_auth_comp_id        SER 
_struct_conf.end_auth_asym_id        A 
_struct_conf.end_auth_seq_id         35 
_struct_conf.pdbx_PDB_helix_class    1 
_struct_conf.details                 ? 
_struct_conf.pdbx_PDB_helix_length   32 
# 
_struct_conf_type.id          HELX_P 
_struct_conf_type.criteria    ? 
_struct_conf_type.reference   ? 
# 
_struct_conn.id                            disulf1 
_struct_conn.conn_type_id                  disulf 
_struct_conn.pdbx_leaving_atom_flag        ? 
_struct_conn.pdbx_PDB_id                   ? 
_struct_conn.ptnr1_label_asym_id           A 
_struct_conn.ptnr1_label_comp_id           CYS 
_struct_conn.ptnr1_label_seq_id            3 
_struct_conn.ptnr1_label_atom_id           SG 
_struct_conn.pdbx_ptnr1_label_alt_id       ? 
_struct_conn.pdbx_ptnr1_PDB_ins_code       ? 
_struct_conn.pdbx_ptnr1_standard_comp_id   ? 
_struct_conn.ptnr1_symmetry                1_555 
_struct_conn.ptnr2_label_asym_id           A 
_struct_conn.ptnr2_label_comp_id           CYS 
_struct_conn.ptnr2_label_seq_id            7 
_struct_conn.ptnr2_label_atom_id           SG 
_struct_conn.pdbx_ptnr2_label_alt_id       ? 
_struct_conn.pdbx_ptnr2_PDB_ins_code       ? 
_struct_conn.ptnr1_auth_asym_id            A 
_struct_conn.ptnr1_auth_comp_id            CYS 
_struct_conn.ptnr1_auth_seq_id             3 
_struct_conn.ptnr2_auth_asym_id            A 
_struct_conn.ptnr2_auth_comp_id            CYS 
_struct_conn.ptnr2_auth_seq_id             7 
_struct_conn.ptnr2_symmetry                1_555 
_struct_conn.pdbx_ptnr3_label_atom_id      ? 
_struct_conn.pdbx_ptnr3_label_seq_id       ? 
_struct_conn.pdbx_ptnr3_label_comp_id      ? 
_struct_conn.pdbx_ptnr3_label_asym_id      ? 
_struct_conn.pdbx_ptnr3_label_alt_id       ? 
_struct_conn.pdbx_ptnr3_PDB_ins_code       ? 
_struct_conn.details                       ? 
_struct_conn.pdbx_dist_value               2.036 
_struct_conn.pdbx_value_order              ? 
_struct_conn.pdbx_role                     ? 
# 
_struct_conn_type.id          disulf 
_struct_conn_type.criteria    ? 
_struct_conn_type.reference   ? 
# 
_pdbx_modification_feature.ordinal                            1 
_pdbx_modification_feature.label_comp_id                      CYS 
_pdbx_modification_feature.label_asym_id                      A 
_pdbx_modification_feature.label_seq_id                       3 
_pdbx_modification_feature.label_alt_id                       ? 
_pdbx_modification_feature.modified_residue_label_comp_id     CYS 
_pdbx_modification_feature.modified_residue_label_asym_id     A 
_pdbx_modification_feature.modified_residue_label_seq_id      7 
_pdbx_modification_feature.modified_residue_label_alt_id      ? 
_pdbx_modification_feature.auth_comp_id                       CYS 
_pdbx_modification_feature.auth_asym_id                       A 
_pdbx_modification_feature.auth_seq_id                        3 
_pdbx_modification_feature.PDB_ins_code                       ? 
_pdbx_modification_feature.symmetry                           1_555 
_pdbx_modification_feature.modified_residue_auth_comp_id      CYS 
_pdbx_modification_feature.modified_residue_auth_asym_id      A 
_pdbx_modification_feature.modified_residue_auth_seq_id       7 
_pdbx_modification_feature.modified_residue_PDB_ins_code      ? 
_pdbx_modification_feature.modified_residue_symmetry          1_555 
_pdbx_modification_feature.comp_id_linking_atom               SG 
_pdbx_modification_feature.modified_residue_id_linking_atom   SG 
_pdbx_modification_feature.modified_residue_id                . 
_pdbx_modification_feature.ref_pcm_id                         . 
_pdbx_modification_feature.ref_comp_id                        . 
_pdbx_modification_feature.type                               None 
_pdbx_modification_feature.category                           'Disulfide bridge' 
# 
_pdbx_entry_details.entry_id                   7AL0 
_pdbx_entry_details.has_ligand_of_interest     N 
_pdbx_entry_details.compound_details           ? 
_pdbx_entry_details.source_details             ? 
_pdbx_entry_details.nonpolymer_details         ? 
_pdbx_entry_details.sequence_details           ? 
_pdbx_entry_details.has_protein_modification   Y 
# 
_pdbx_validate_torsion.id              1 
_pdbx_validate_torsion.PDB_model_num   1 
_pdbx_validate_torsion.auth_comp_id    PRO 
_pdbx_validate_torsion.auth_asym_id    A 
_pdbx_validate_torsion.auth_seq_id     2 
_pdbx_validate_torsion.PDB_ins_code    ? 
_pdbx_validate_torsion.label_alt_id    ? 
_pdbx_validate_torsion.phi             -90.23 
_pdbx_validate_torsion.psi             35.12 
# 
loop_
_pdbx_struct_special_symmetry.id 
_pdbx_struct_special_symmetry.PDB_model_num 
_pdbx_struct_special_symmetry.auth_asym_id 
_pdbx_struct_special_symmetry.auth_comp_id 
_pdbx_struct_special_symmetry.auth_seq_id 
_pdbx_struct_special_symmetry.PDB_ins_code 
_pdbx_struct_special_symmetry.label_asym_id 
_pdbx_struct_special_symmetry.label_comp_id 
_pdbx_struct_special_symmetry.label_seq_id 
1 1 A CL  102 ? C CL  . 
2 1 A HOH 210 ? D HOH . 
# 
loop_
_chem_comp_atom.comp_id 
_chem_comp_atom.atom_id 
_chem_comp_atom.type_symbol 
_chem_comp_atom.pdbx_aromatic_flag 
_chem_comp_atom.pdbx_stereo_config 
_chem_comp_atom.pdbx_ordinal 
ALA N    N  N N 1   
ALA CA   C  N S 2   
ALA C    C  N N 3   
ALA O    O  N N 4   
ALA CB   C  N N 5   
ALA OXT  O  N N 6   
ALA H    H  N N 7   
ALA H2   H  N N 8   
ALA HA   H  N N 9   
ALA HB1  H  N N 10  
ALA HB2  H  N N 11  
ALA HB3  H  N N 12  
ALA HXT  H  N N 13  
ASN N    N  N N 14  
ASN CA   C  N S 15  
ASN C    C  N N 16  
ASN O    O  N N 17  
ASN CB   C  N N 18  
ASN CG   C  N N 19  
ASN OD1  O  N N 20  
ASN ND2  N  N N 21  
ASN OXT  O  N N 22  
ASN H    H  N N 23  
ASN H2   H  N N 24  
ASN HA   H  N N 25  
ASN HB2  H  N N 26  
ASN HB3  H  N N 27  
ASN HD21 H  N N 28  
ASN HD22 H  N N 29  
ASN HXT  H  N N 30  
CL  CL   CL N N 31  
CYS N    N  N N 32  
CYS CA   C  N R 33  
CYS C    C  N N 34  
CYS O    O  N N 35  
CYS CB   C  N N 36  
CYS SG   S  N N 37  
CYS OXT  O  N N 38  
CYS H    H  N N 39  
CYS H2   H  N N 40  
CYS HA   H  N N 41  
CYS HB2  H  N N 42  
CYS HB3  H  N N 43  
CYS HG   H  N N 44  
CYS HXT  H  N N 45  
GLN N    N  N N 46  
GLN CA   C  N S 47  
GLN C    C  N N 48  
GLN O    O  N N 49  
GLN CB   C  N N 50  
GLN CG   C  N N 51  
GLN CD   C  N N 52  
GLN OE1  O  N N 53  
GLN NE2  N  N N 54  
GLN OXT  O  N N 55  
GLN H    H  N N 56  
GLN H2   H  N N 57  
GLN HA   H  N N 58  
GLN HB2  H  N N 59  
GLN HB3  H  N N 60  
GLN HG2  H  N N 61  
GLN HG3  H  N N 62  
GLN HE21 H  N N 63  
GLN HE22 H  N N 64  
GLN HXT  H  N N 65  
GLU N    N  N N 66  
GLU CA   C  N S 67  
GLU C    C  N N 68  
GLU O    O  N N 69  
GLU CB   C  N N 70  
GLU CG   C  N N 71  
GLU CD   C  N N 72  
GLU OE1  O  N N 73  
GLU OE2  O  N N 74  
GLU OXT  O  N N 75  
GLU H    H  N N 76  
GLU H2   H  N N 77  
GLU HA   H  N N 78  
GLU HB2  H  N N 79  
GLU HB3  H  N N 80  
GLU HG2  H  N N 81  
GLU HG3  H  N N 82  
GLU HE2  H  N N 83  
GLU HXT  H  N N 84  
GLY N    N  N N 85  
GLY CA   C  N N 86  
GLY C    C  N N 87  
GLY O    O  N N 88  
GLY OXT  O  N N 89  
GLY H    H  N N 90  
GLY H2   H  N N 91  
GLY HA2  H  N N 92  
GLY HA3  H  N N 93  
GLY HXT  H  N N 94  
HIS N    N  N N 95  
HIS CA   C  N S 96  
HIS C    C  N N 97  
HIS O    O  N N 98  
HIS CB   C  N N 99  
HIS CG   C  Y N 100 
HIS ND1  N  Y N 101 
HIS CD2  C  Y N 102 
HIS CE1  C  Y N 103 
HIS NE2  N  Y N 104 
HIS OXT  O  N N 105 
HIS H    H  N N 106 
HIS H2   H  N N 107 
HIS HA   H  N N 108 
HIS HB2  H  N N 109 
HIS HB3  H  N N 110 
HIS HD1  H  N N 111 
HIS HD2  H  N N 112 
HIS HE1  H  N N 113 
HIS HE2  H  N N 114 
HIS HXT  H  N N 115 
HOH O    O  N N 116 
HOH H1   H  N N 117 
HOH H2   H  N N 118 
ILE N    N  N N 119 
ILE CA   C  N S 120 
ILE C    C  N N 121 
ILE O    O  N N 122 
ILE CB   C  N S 123 
ILE CG1  C  N N 124 
ILE CG2  C  N N 125 
ILE CD1  C  N N 126 
ILE OXT  O  N N 127 
ILE H    H  N N 128 
ILE H2   H  N N 129 
ILE HA   H  N N 130 
ILE HB   H  N N 131 
ILE HG12 H  N N 132 
ILE HG13 H  N N 133 
ILE HG21 H  N N 134 
ILE HG22 H  N N 135 
ILE HG23 H  N N 136 
ILE HD11 H  N N 137 
ILE HD12 H  N N 138 
ILE HD13 H  N N 139 
ILE HXT  H  N N 140 
LEU N    N  N N 141 
LEU CA   C  N S 142 
LEU C    C  N N 143 
LEU O    O  N N 144 
LEU CB   C  N N 145 
LEU CG   C  N N 146 
LEU CD1  C  N N 147 
LEU CD2  C  N N 148 
LEU OXT  O  N N 149 
LEU H    H  N N 150 
LEU H2   H  N N 151 
LEU HA   H  N N 152 
LEU HB2  H  N N 153 
LEU HB3  H  N N 154 
LEU HG   H  N N 155 
LEU HD11 H  N N 156 
LEU HD12 H  N N 157 
LEU HD13 H  N N 158 
LEU HD21 H  N N 159 
LEU HD22 H  N N 160 
LEU HD23 H  N N 161 
LEU HXT  H  N N 162 
LYS N    N  N N 163 
LYS CA   C  N S 164 
LYS C    C  N N 165 
LYS O    O  N N 166 
LYS CB   C  N N 167 
LYS CG   C  N N 168 
LYS CD   C  N N 169 
LYS CE   C  N N 170 
LYS NZ   N  N N 171 
LYS OXT  O  N N 172 
LYS H    H  N N 173 
LYS H2   H  N N 174 
LYS HA   H  N N 175 
LYS HB2  H  N N 176 
LYS HB3  H  N N 177 
LYS HG2  H  N N 178 
LYS HG3  H  N N 179 
LYS HD2  H  N N 180 
LYS HD3  H  N N 181 
LYS HE2  H  N N 182 
LYS HE3  H  N N 183 
LYS HZ1  H  N N 184 
LYS HZ2  H  N N 185 
LYS HZ3  H  N N 186 
LYS HXT  H  N N 187 
PRO N    N  N N 188 
PRO CA   C  N S 189 
PRO C    C  N N 190 
PRO O    O  N N 191 
PRO CB   C  N N 192 
PRO CG   C  N N 193 
PRO CD   C  N N 194 
PRO OXT  O  N N 195 
PRO H    H  N N 196 
PRO HA   H  N N 197 
PRO HB2  H  N N 198 
PRO HB3  H  N N 199 
PRO HG2  H  N N 200 
PRO HG3  H  N N 201 
PRO HD2  H  N N 202 
PRO HD3  H  N N 203 
PRO HXT  H  N N 204 
SER N    N  N N 205 
SER CA   C  N S 206 
SER C    C  N N 207 
SER O    O  N N 208 
SER CB   C  N N 209 
SER OG   O  N N 210 
SER OXT  O  N N 211 
SER H    H  N N 212 
SER H2   H  N N 213 
SER HA   H  N N 214 
SER HB2  H  N N 215 
SER HB3  H  N N 216 
SER HG   H  N N 217 
SER HXT  H  N N 218 
THR N    N  N N 219 
THR CA   C  N S 220 
THR C    C  N N 221 
THR O    O  N N 222 
THR CB   C  N R 223 
THR OG1  O  N N 224 
THR CG2  C  N N 225 
THR OXT  O  N N 226 
THR H    H  N N 227 
THR H2   H  N N 228 
THR HA   H  N N 229 
THR HB   H  N N 230 
THR HG1  H  N N 231 
THR HG21 H  N N 232 
THR HG22 H  N N 233 
THR HG23 H  N N 234 
THR HXT  H  N N 235 
VAL N    N  N N 236 
VAL CA   C  N S 237 
VAL C    C  N N 238 
VAL O    O  N N 239 
VAL CB   C  N N 240 
VAL CG1  C  N N 241 
VAL CG2  C  N N 242 
VAL OXT  O  N N 243 
VAL H    H  N N 244 
VAL H2   H  N N 245 
VAL HA   H  N N 246 
VAL HB   H  N N 247 
VAL HG11 H  N N 248 
VAL HG12 H  N N 249 
VAL HG13 H  N N 250 
VAL HG21 H  N N 251 
VAL HG22 H  N N 252 
VAL HG23 H  N N 253 
VAL HXT  H  N N 254 
# 
loop_
_chem_comp_bond.comp_id 
_chem_comp_bond.atom_id_1 
_chem_comp_bond.atom_id_2 
_chem_comp_bond.value_order 
_chem_comp_bond.pdbx_aromatic_flag 
_chem_comp_bond.pdbx_stereo_config 
_chem_comp_bond.pdbx_ordinal 
ALA N   CA   sing N N 1   
ALA N   H    sing N N 2   
ALA N   H2   sing N N 3   
ALA CA  C    sing N N 4   
ALA CA  CB   sing N N 5   
ALA CA  HA   sing N N 6   
ALA C   O    doub N N 7   
ALA C   OXT  sing N N 8   
ALA CB  HB1  sing N N 9   
ALA CB  HB2  sing N N 10  
ALA CB  HB3  sing N N 11  
ALA OXT HXT  sing N N 12  
ASN N   CA   sing N N 13  
ASN N   H    sing N N 14  
ASN N   H2   sing N N 15  
ASN CA  C    sing N N 16  
ASN CA  CB   sing N N 17  
ASN CA  HA   sing N N 18  
ASN C   O    doub N N 19  
ASN C   OXT  sing N N 20  
ASN CB  CG   sing N N 21  
ASN CB  HB2  sing N N 22  
ASN CB  HB3  sing N N 23  
ASN CG  OD1  doub N N 24  
ASN CG  ND2  sing N N 25  
ASN ND2 HD21 sing N N 26  
ASN ND2 HD22 sing N N 27  
ASN OXT HXT  sing N N 28  
CYS N   CA   sing N N 29  
CYS N   H    sing N N 30  
CYS N   H2   sing N N 31  
CYS CA  C    sing N N 32  
CYS CA  CB   sing N N 33  
CYS CA  HA   sing N N 34  
CYS C   O    doub N N 35  
CYS C   OXT  sing N N 36  
CYS CB  SG   sing N N 37  
CYS CB  HB2  sing N N 38  
CYS CB  HB3  sing N N 39  
CYS SG  HG   sing N N 40  
CYS OXT HXT  sing N N 41  
GLN N   CA   sing N N 42  
GLN N   H    sing N N 43  
GLN N   H2   sing N N 44  
GLN CA  C    sing N N 45  
GLN CA  CB   sing N N 46  
GLN CA  HA   sing N N 47  
GLN C   O    doub N N 48  
GLN C   OXT  sing N N 49  
GLN CB  CG   sing N N 50  
GLN CB  HB2  sing N N 51  
GLN CB  HB3  sing N N 52  
GLN CG  CD   sing N N 53  
GLN CG  HG2  sing N N 54  
GLN CG  HG3  sing N N 55  
GLN CD  OE1  doub N N 56  
GLN CD  NE2  sing N N 57  
GLN NE2 HE21 sing N N 58  
GLN NE2 HE22 sing N N 59  
GLN OXT HXT  sing N N 60  
GLU N   CA   sing N N 61  
GLU N   H    sing N N 62  
GLU N   H2   sing N N 63  
GLU CA  C    sing N N 64  
GLU CA  CB   sing N N 65  
GLU CA  HA   sing N N 66  
GLU C   O    doub N N 67  
GLU C   OXT  sing N N 68  
GLU CB  CG   sing N N 69  
GLU CB  HB2  sing N N 70  
GLU CB  HB3  sing N N 71  
GLU CG  CD   sing N N 72  
GLU CG  HG2  sing N N 73  
GLU CG  HG3  sing N N 74  
GLU CD  OE1  doub N N 75  
GLU CD  OE2  sing N N 76  
GLU OE2 HE2  sing N N 77  
GLU OXT HXT  sing N N 78  
GLY N   CA   sing N N 79  
GLY N   H    sing N N 80  
GLY N   H2   sing N N 81  
GLY CA  C    sing N N 82  
GLY CA  HA2  sing N N 83  
GLY CA  HA3  sing N N 84  
GLY C   O    doub N N 85  
GLY C   OXT  sing N N 86  
GLY OXT HXT  sing N N 87  
HIS N   CA   sing N N 88  
HIS N   H    sing N N 89  
HIS N   H2   sing N N 90  
HIS CA  C    sing N N 91  
HIS CA  CB   sing N N 92  
HIS CA  HA   sing N N 93  
HIS C   O    doub N N 94  
HIS C   OXT  sing N N 95  
HIS CB  CG   sing N N 96  
HIS CB  HB2  sing N N 97  
HIS CB  HB3  sing N N 98  
HIS CG  ND1  sing Y N 99  
HIS CG  CD2  doub Y N 100 
HIS ND1 CE1  doub Y N 101 
HIS ND1 HD1  sing N N 102 
HIS CD2 NE2  sing Y N 103 
HIS CD2 HD2  sing N N 104 
HIS CE1 NE2  sing Y N 105 
HIS CE1 HE1  sing N N 106 
HIS NE2 HE2  sing N N 107 
HIS OXT HXT  sing N N 108 
HOH O   H1   sing N N 109 
HOH O   H2   sing N N 110 
ILE N   CA   sing N N 111 
ILE N   H    sing N N 112 
ILE N   H2   sing N N 113 
ILE CA  C    sing N N 114 
ILE CA  CB   sing N N 115 
ILE CA  HA   sing N N 116 
ILE C   O    doub N N 117 
ILE C   OXT  sing N N 118 
ILE CB  CG1  sing N N 119 
ILE CB  CG2  sing N N 120 
ILE CB  HB   sing N N 121 
ILE CG1 CD1  sing N N 122 
ILE CG1 HG12 sing N N 123 
ILE CG1 HG13 sing N N 124 
ILE CG2 HG21 sing N N 125 
ILE CG2 HG22 sing N N 126 
ILE CG2 HG23 sing N N 127 
ILE CD1 HD11 sing N N 128 
ILE CD1 HD12 sing N N 129 
ILE CD1 HD13 sing N N 130 
ILE OXT HXT  sing N N 131 
LEU N   CA   sing N N 132 
LEU N   H    sing N N 133 
LEU N   H2   sing N N 134 
LEU CA  C    sing N N 135 
LEU CA  CB   sing N N 136 
LEU CA  HA   sing N N 137 
LEU C   O    doub N N 138 
LEU C   OXT  sing N N 139 
LEU CB  CG   sing N N 140 
LEU CB  HB2  sing N N 141 
LEU CB  HB3  sing N N 142 
LEU CG  CD1  sing N N 143 
LEU CG  CD2  sing N N 144 
LEU CG  HG   sing N N 145 
LEU CD1 HD11 sing N N 146 
LEU CD1 HD12 sing N N 147 
LEU CD1 HD13 sing N N 148 
LEU CD2 HD21 sing N N 149 
LEU CD2 HD22 sing N N 150 
LEU CD2 HD23 sing N N 151 
LEU OXT HXT  sing N N 152 
LYS N   CA   sing N N 153 
LYS N   H    sing N N 154 
LYS N   H2   sing N N 155 
LYS CA  C    sing N N 156 
LYS CA  CB   sing N N 157 
LYS CA  HA   sing N N 158 
LYS C   O    doub N N 159 
LYS C   OXT  sing N N 160 
LYS CB  CG   sing N N 161 
LYS CB  HB2  sing N N 162 
LYS CB  HB3  sing N N 163 
LYS CG  CD   sing N N 164 
LYS CG  HG2  sing N N 165 
LYS CG  HG3  sing N N 166 
LYS CD  CE   sing N N 167 
LYS CD  HD2  sing N N 168 
LYS CD  HD3  sing N N 169 
LYS CE  NZ   sing N N 170 
LYS CE  HE2  sing N N 171 
LYS CE  HE3  sing N N 172 
LYS NZ  HZ1  sing N N 173 
LYS NZ  HZ2  sing N N 174 
LYS NZ  HZ3  sing N N 175 
LYS OXT HXT  sing N N 176 
PRO N   CA   sing N N 177 
PRO N   CD   sing N N 178 
PRO N   H    sing N N 179 
PRO CA  C    sing N N 180 
PRO CA  CB   sing N N 181 
PRO CA  HA   sing N N 182 
PRO C   O    doub N N 183 
PRO C   OXT  sing N N 184 
PRO CB  CG   sing N N 185 
PRO CB  HB2  sing N N 186 
PRO CB  HB3  sing N N 187 
PRO CG  CD   sing N N 188 
PRO CG  HG2  sing N N 189 
PRO CG  HG3  sing N N 190 
PRO CD  HD2  sing N N 191 
PRO CD  HD3  sing N N 192 
PRO OXT HXT  sing N N 193 
SER N   CA   sing N N 194 
SER N   H    sing N N 195 
SER N   H2   sing N N 196 
SER CA  C    sing N N 197 
SER CA  CB   sing N N 198 
SER CA  HA   sing N N 199 
SER C   O    doub N N 200 
SER C   OXT  sing N N 201 
SER CB  OG   sing N N 202 
SER CB  HB2  sing N N 203 
SER CB  HB3  sing N N 204 
SER OG  HG   sing N N 205 
SER OXT HXT  sing N N 206 
THR N   CA   sing N N 207 
THR N   H    sing N N 208 
THR N   H2   sing N N 209 
THR CA  C    sing N N 210 
THR CA  CB   sing N N 211 
THR CA  HA   sing N N 212 
THR C   O    doub N N 213 
THR C   OXT  sing N N 214 
THR CB  OG1  sing N N 215 
THR CB  CG2  sing N N 216 
THR CB  HB   sing N N 217 
THR OG1 HG1  sing N N 218 
THR CG2 HG21 sing N N 219 
THR CG2 HG22 sing N N 220 
THR CG2 HG23 sing N N 221 
THR OXT HXT  sing N N 222 
VAL N   CA   sing N N 223 
VAL N   H    sing N N 224 
VAL N   H2   sing N N 225 
VAL CA  C    sing N N 226 
VAL CA  CB   sing N N 227 
VAL CA  HA   sing N N 228 
VAL C   O    doub N N 229 
VAL C   OXT  sing N N 230 
VAL CB  CG1  sing N N 231 
VAL CB  CG2  sing N N 232 
VAL CB  HB   sing N N 233 
VAL CG1 HG11 sing N N 234 
VAL CG1 HG12 sing N N 235 
VAL CG1 HG13 sing N N 236 
VAL CG2 HG21 sing N N 237 
VAL CG2 HG22 sing N N 238 
VAL CG2 HG23 sing N N 239 
VAL OXT HXT  sing N N 240 
# 
_atom_sites.entry_id                    7AL0 
_atom_sites.Cartn_transf_matrix[1][1]   ? 
_atom_sites.Cartn_transf_matrix[1][2]   ? 
_atom_sites.Cartn_transf_matrix[1][3]   ? 
_atom_sites.Cartn_transf_matrix[2][1]   ? 
_atom_sites.Cartn_transf_matrix[2][2]   ? 
_atom_sites.Cartn_transf_matrix[2][3]   ? 
_atom_sites.Cartn_transf_matrix[3][1]   ? 
_atom_sites.Cartn_transf_matrix[3][2]   ? 
_atom_sites.Cartn_transf_matrix[3][3]   ? 
_atom_sites.Cartn_transf_vector[1]      ? 
_atom_sites.Cartn_transf_vector[2]      ? 
_atom_sites.Cartn_transf_vector[3]      ? 
_atom_sites.fract_transf_matrix[1][1]   -0.01483644 
_atom_sites.fract_transf_matrix[1][2]   0.00136179 
_atom_sites.fract_transf_matrix[1][3]   0.01544851 
_atom_sites.fract_transf_matrix[2][1]   -0.01450212 
_atom_sites.fract_transf_matrix[2][2]   0.01581703 
_atom_sites.fract_transf_matrix[2][3]   -0.00041297 
_atom_sites.fract_transf_matrix[3][1]   -0.00954397 
_atom_sites.fract_transf_matrix[3][2]   -0.00896922 
_atom_sites.fract_transf_matrix[3][3]   -0.00837519 
_atom_sites.fract_transf_vector[1]      -0.483747 
_atom_sites.fract_transf_vector[2]      -0.191224 
_atom_sites.fract_transf_vector[3]      0.041733 
_atom_sites.solution_primary            ? 
_atom_sites.solution_secondary          ? 
_atom_sites.solution_hydrogens          ? 
_atom_sites.special_details             ? 
# 
loop_
_atom_type.symbol 
C  
CL 
N  
O  
S  
# 
loop_
_atom_site.group_PDB 
_atom_site.id 
_atom_site.type_symbol 
_atom_site.label_atom_id 
_atom_site.label_alt_id 
_atom_site.label_comp_id 
_atom_site.label_asym_id 
_atom_site.label_entity_id 
_atom_site.label_seq_id 
_atom_site.pdbx_PDB_ins_code 
_atom_site.Cartn_x 
_atom_site.Cartn_y 
_atom_site.Cartn_z 
_atom_site.occupancy 
_atom_site.B_iso_or_equiv 
_atom_site.pdbx_formal_charge 
_atom_site.auth_seq_id 
_atom_site.auth_comp_id 
_atom_site.auth_asym_id 
_atom_site.auth_atom_id 
_atom_site.pdbx_PDB_model_num 
ATOM   1   N  N   . ALA A 1 1  ? 18.049  16.622  12.470  1.00 116.89 ? 1   ALA A N   1 
ATOM   2   C  CA  . ALA A 1 1  ? 16.797  16.505  11.660  1.00 123.77 ? 1   ALA A CA  1 
ATOM   3   C  C   . ALA A 1 1  ? 16.699  17.618  10.617  1.00 128.42 ? 1   ALA A C   1 
ATOM   4   O  O   . ALA A 1 1  ? 15.920  18.555  10.785  1.00 134.27 ? 1   ALA A O   1 
ATOM   5   C  CB  . ALA A 1 1  ? 15.579  16.520  12.574  1.00 116.04 ? 1   ALA A CB  1 
ATOM   6   N  N   . PRO A 1 2  ? 17.484  17.553  9.513   1.00 109.43 ? 2   PRO A N   1 
ATOM   7   C  CA  . PRO A 1 2  ? 17.482  18.603  8.489   1.00 95.15  ? 2   PRO A CA  1 
ATOM   8   C  C   . PRO A 1 2  ? 16.466  18.404  7.340   1.00 79.00  ? 2   PRO A C   1 
ATOM   9   O  O   . PRO A 1 2  ? 16.746  18.792  6.204   1.00 86.62  ? 2   PRO A O   1 
ATOM   10  C  CB  . PRO A 1 2  ? 18.918  18.526  7.954   1.00 94.98  ? 2   PRO A CB  1 
ATOM   11  C  CG  . PRO A 1 2  ? 19.297  17.079  8.104   1.00 96.01  ? 2   PRO A CG  1 
ATOM   12  C  CD  . PRO A 1 2  ? 18.455  16.486  9.212   1.00 97.68  ? 2   PRO A CD  1 
ATOM   13  N  N   . CYS A 1 3  ? 15.293  17.842  7.657   1.00 58.43  ? 3   CYS A N   1 
ATOM   14  C  CA  . CYS A 1 3  ? 14.277  17.485  6.667   1.00 58.93  ? 3   CYS A CA  1 
ATOM   15  C  C   . CYS A 1 3  ? 13.481  18.714  6.171   1.00 65.24  ? 3   CYS A C   1 
ATOM   16  O  O   . CYS A 1 3  ? 12.531  19.154  6.821   1.00 58.32  ? 3   CYS A O   1 
ATOM   17  C  CB  . CYS A 1 3  ? 13.336  16.426  7.260   1.00 49.92  ? 3   CYS A CB  1 
ATOM   18  S  SG  . CYS A 1 3  ? 12.039  15.814  6.148   1.00 57.59  ? 3   CYS A SG  1 
ATOM   19  N  N   . LYS A 1 4  ? 13.880  19.243  5.006   1.00 60.38  ? 4   LYS A N   1 
ATOM   20  C  CA  . LYS A 1 4  ? 13.252  20.415  4.375   1.00 75.15  ? 4   LYS A CA  1 
ATOM   21  C  C   . LYS A 1 4  ? 12.103  19.968  3.438   1.00 63.96  ? 4   LYS A C   1 
ATOM   22  O  O   . LYS A 1 4  ? 11.759  18.793  3.414   1.00 59.78  ? 4   LYS A O   1 
ATOM   23  C  CB  . LYS A 1 4  ? 14.329  21.266  3.672   1.00 67.80  ? 4   LYS A CB  1 
ATOM   24  C  CG  . LYS A 1 4  ? 15.289  21.946  4.651   1.00 76.04  ? 4   LYS A CG  1 
ATOM   25  C  CD  . LYS A 1 4  ? 16.649  22.267  4.037   1.00 95.95  ? 4   LYS A CD  1 
ATOM   26  C  CE  . LYS A 1 4  ? 17.706  22.546  5.101   1.00 86.30  ? 4   LYS A CE  1 
ATOM   27  N  NZ  . LYS A 1 4  ? 19.066  22.813  4.536   1.00 58.31  ? 4   LYS A NZ  1 
ATOM   28  N  N   . LEU A 1 5  ? 11.507  20.910  2.693   1.00 56.52  ? 5   LEU A N   1 
ATOM   29  C  CA  . LEU A 1 5  ? 10.218  20.695  2.022   1.00 51.47  ? 5   LEU A CA  1 
ATOM   30  C  C   . LEU A 1 5  ? 10.166  19.489  1.086   1.00 43.34  ? 5   LEU A C   1 
ATOM   31  O  O   . LEU A 1 5  ? 9.207   18.720  1.124   1.00 48.61  ? 5   LEU A O   1 
ATOM   32  C  CB  . LEU A 1 5  ? 9.764   21.950  1.256   1.00 54.26  ? 5   LEU A CB  1 
ATOM   33  C  CG  . LEU A 1 5  ? 8.314   21.941  0.735   1.00 54.99  ? 5   LEU A CG  1 
ATOM   34  C  CD1 . LEU A 1 5  ? 7.316   21.911  1.888   1.00 58.18  ? 5   LEU A CD1 1 
ATOM   35  C  CD2 . LEU A 1 5  ? 8.042   23.133  -0.178  1.00 49.70  ? 5   LEU A CD2 1 
ATOM   36  N  N   . GLY A 1 6  ? 11.182  19.352  0.227   1.00 45.45  ? 6   GLY A N   1 
ATOM   37  C  CA  . GLY A 1 6  ? 11.308  18.215  -0.675  1.00 45.18  ? 6   GLY A CA  1 
ATOM   38  C  C   . GLY A 1 6  ? 11.264  16.911  0.111   1.00 52.36  ? 6   GLY A C   1 
ATOM   39  O  O   . GLY A 1 6  ? 10.579  15.968  -0.282  1.00 63.80  ? 6   GLY A O   1 
ATOM   40  N  N   . CYS A 1 7  ? 11.983  16.892  1.240   1.00 57.27  ? 7   CYS A N   1 
ATOM   41  C  CA  . CYS A 1 7  ? 12.002  15.784  2.197   1.00 58.75  ? 7   CYS A CA  1 
ATOM   42  C  C   . CYS A 1 7  ? 10.634  15.512  2.831   1.00 57.08  ? 7   CYS A C   1 
ATOM   43  O  O   . CYS A 1 7  ? 10.241  14.354  2.973   1.00 54.00  ? 7   CYS A O   1 
ATOM   44  C  CB  . CYS A 1 7  ? 13.046  16.064  3.288   1.00 68.78  ? 7   CYS A CB  1 
ATOM   45  S  SG  . CYS A 1 7  ? 13.075  14.892  4.657   1.00 61.38  ? 7   CYS A SG  1 
ATOM   46  N  N   . LYS A 1 8  ? 9.915   16.581  3.203   1.00 54.73  ? 8   LYS A N   1 
ATOM   47  C  CA  . LYS A 1 8  ? 8.568   16.463  3.771   1.00 45.67  ? 8   LYS A CA  1 
ATOM   48  C  C   . LYS A 1 8  ? 7.583   15.864  2.770   1.00 48.40  ? 8   LYS A C   1 
ATOM   49  O  O   . LYS A 1 8  ? 6.755   15.032  3.128   1.00 51.70  ? 8   LYS A O   1 
ATOM   50  C  CB  . LYS A 1 8  ? 8.043   17.810  4.264   1.00 45.25  ? 8   LYS A CB  1 
ATOM   51  C  CG  . LYS A 1 8  ? 8.860   18.429  5.390   1.00 55.93  ? 8   LYS A CG  1 
ATOM   52  C  CD  . LYS A 1 8  ? 8.101   19.568  6.064   1.00 62.59  ? 8   LYS A CD  1 
ATOM   53  C  CE  . LYS A 1 8  ? 9.015   20.477  6.876   1.00 64.63  ? 8   LYS A CE  1 
ATOM   54  N  NZ  . LYS A 1 8  ? 9.963   19.753  7.765   1.00 62.25  ? 8   LYS A NZ  1 
ATOM   55  N  N   . ILE A 1 9  ? 7.680   16.303  1.511   1.00 48.15  ? 9   ILE A N   1 
ATOM   56  C  CA  . ILE A 1 9  ? 6.828   15.800  0.434   1.00 46.63  ? 9   ILE A CA  1 
ATOM   57  C  C   . ILE A 1 9  ? 7.027   14.282  0.274   1.00 48.03  ? 9   ILE A C   1 
ATOM   58  O  O   . ILE A 1 9  ? 6.057   13.540  0.114   1.00 51.92  ? 9   ILE A O   1 
ATOM   59  C  CB  . ILE A 1 9  ? 7.094   16.558  -0.887  1.00 42.08  ? 9   ILE A CB  1 
ATOM   60  C  CG1 . ILE A 1 9  ? 6.587   18.001  -0.765  1.00 45.50  ? 9   ILE A CG1 1 
ATOM   61  C  CG2 . ILE A 1 9  ? 6.422   15.868  -2.074  1.00 48.25  ? 9   ILE A CG2 1 
ATOM   62  C  CD1 . ILE A 1 9  ? 7.206   18.956  -1.758  1.00 48.53  ? 9   ILE A CD1 1 
ATOM   63  N  N   . LYS A 1 10 ? 8.288   13.835  0.333   1.00 49.03  ? 10  LYS A N   1 
ATOM   64  C  CA  . LYS A 1 10 ? 8.624   12.408  0.298   1.00 51.33  ? 10  LYS A CA  1 
ATOM   65  C  C   . LYS A 1 10 ? 7.954   11.623  1.428   1.00 46.87  ? 10  LYS A C   1 
ATOM   66  O  O   . LYS A 1 10 ? 7.367   10.575  1.188   1.00 50.54  ? 10  LYS A O   1 
ATOM   67  C  CB  . LYS A 1 10 ? 10.138  12.182  0.334   1.00 50.11  ? 10  LYS A CB  1 
ATOM   68  C  CG  . LYS A 1 10 ? 10.704  11.687  -0.987  1.00 63.70  ? 10  LYS A CG  1 
ATOM   69  C  CD  . LYS A 1 10 ? 12.184  11.345  -0.879  1.00 70.82  ? 10  LYS A CD  1 
ATOM   70  C  CE  . LYS A 1 10 ? 13.069  12.557  -1.135  1.00 83.96  ? 10  LYS A CE  1 
ATOM   71  N  NZ  . LYS A 1 10 ? 13.180  12.878  -2.587  1.00 69.29  ? 10  LYS A NZ  1 
ATOM   72  N  N   . LYS A 1 11 ? 8.040   12.138  2.660   1.00 47.15  ? 11  LYS A N   1 
ATOM   73  C  CA  . LYS A 1 11 ? 7.414   11.480  3.807   1.00 53.17  ? 11  LYS A CA  1 
ATOM   74  C  C   . LYS A 1 11 ? 5.921   11.265  3.573   1.00 54.74  ? 11  LYS A C   1 
ATOM   75  O  O   . LYS A 1 11 ? 5.395   10.209  3.891   1.00 54.98  ? 11  LYS A O   1 
ATOM   76  C  CB  . LYS A 1 11 ? 7.624   12.271  5.099   1.00 48.95  ? 11  LYS A CB  1 
ATOM   77  C  CG  . LYS A 1 11 ? 9.027   12.168  5.680   1.00 65.52  ? 11  LYS A CG  1 
ATOM   78  C  CD  . LYS A 1 11 ? 9.125   12.908  7.006   1.00 60.11  ? 11  LYS A CD  1 
ATOM   79  C  CE  . LYS A 1 11 ? 10.528  12.844  7.592   1.00 75.42  ? 11  LYS A CE  1 
ATOM   80  N  NZ  . LYS A 1 11 ? 10.709  13.770  8.749   1.00 82.78  ? 11  LYS A NZ  1 
ATOM   81  N  N   . VAL A 1 12 ? 5.249   12.277  3.010   1.00 53.43  ? 12  VAL A N   1 
ATOM   82  C  CA  . VAL A 1 12 ? 3.808   12.227  2.778   1.00 47.74  ? 12  VAL A CA  1 
ATOM   83  C  C   . VAL A 1 12 ? 3.476   11.211  1.682   1.00 46.98  ? 12  VAL A C   1 
ATOM   84  O  O   . VAL A 1 12 ? 2.547   10.423  1.825   1.00 45.40  ? 12  VAL A O   1 
ATOM   85  C  CB  . VAL A 1 12 ? 3.238   13.628  2.436   1.00 50.74  ? 12  VAL A CB  1 
ATOM   86  C  CG1 . VAL A 1 12 ? 1.787   13.543  1.973   1.00 48.43  ? 12  VAL A CG1 1 
ATOM   87  C  CG2 . VAL A 1 12 ? 3.338   14.545  3.647   1.00 52.48  ? 12  VAL A CG2 1 
ATOM   88  N  N   . LYS A 1 13 ? 4.246   11.249  0.589   1.00 41.81  ? 13  LYS A N   1 
ATOM   89  C  CA  . LYS A 1 13 ? 4.091   10.323  -0.524  1.00 47.46  ? 13  LYS A CA  1 
ATOM   90  C  C   . LYS A 1 13 ? 4.237   8.868   -0.049  1.00 41.57  ? 13  LYS A C   1 
ATOM   91  O  O   . LYS A 1 13 ? 3.429   8.009   -0.392  1.00 50.17  ? 13  LYS A O   1 
ATOM   92  C  CB  . LYS A 1 13 ? 5.120   10.627  -1.621  1.00 42.58  ? 13  LYS A CB  1 
ATOM   93  C  CG  . LYS A 1 13 ? 4.766   11.826  -2.492  1.00 52.03  ? 13  LYS A CG  1 
ATOM   94  C  CD  . LYS A 1 13 ? 5.858   12.131  -3.516  1.00 53.15  ? 13  LYS A CD  1 
ATOM   95  C  CE  . LYS A 1 13 ? 5.358   13.069  -4.610  1.00 62.46  ? 13  LYS A CE  1 
ATOM   96  N  NZ  . LYS A 1 13 ? 6.315   13.244  -5.742  1.00 64.04  ? 13  LYS A NZ  1 
ATOM   97  N  N   . GLN A 1 14 ? 5.279   8.611   0.746   1.00 45.86  ? 14  GLN A N   1 
ATOM   98  C  CA  . GLN A 1 14 ? 5.555   7.283   1.270   1.00 47.36  ? 14  GLN A CA  1 
ATOM   99  C  C   . GLN A 1 14 ? 4.426   6.780   2.159   1.00 44.99  ? 14  GLN A C   1 
ATOM   100 O  O   . GLN A 1 14 ? 4.043   5.625   2.047   1.00 46.44  ? 14  GLN A O   1 
ATOM   101 C  CB  . GLN A 1 14 ? 6.888   7.262   2.022   1.00 59.51  ? 14  GLN A CB  1 
ATOM   102 C  CG  . GLN A 1 14 ? 8.104   7.301   1.107   1.00 72.30  ? 14  GLN A CG  1 
ATOM   103 C  CD  . GLN A 1 14 ? 8.104   6.192   0.062   1.00 85.74  ? 14  GLN A CD  1 
ATOM   104 O  OE1 . GLN A 1 14 ? 7.684   5.064   0.333   1.00 84.44  ? 14  GLN A OE1 1 
ATOM   105 N  NE2 . GLN A 1 14 ? 8.576   6.511   -1.141  1.00 97.89  ? 14  GLN A NE2 1 
ATOM   106 N  N   . LYS A 1 15 ? 3.878   7.657   3.012   1.00 50.89  ? 15  LYS A N   1 
ATOM   107 C  CA  . LYS A 1 15 ? 2.722   7.320   3.856   1.00 51.66  ? 15  LYS A CA  1 
ATOM   108 C  C   . LYS A 1 15 ? 1.525   6.883   3.013   1.00 53.93  ? 15  LYS A C   1 
ATOM   109 O  O   . LYS A 1 15 ? 0.893   5.866   3.289   1.00 55.19  ? 15  LYS A O   1 
ATOM   110 C  CB  . LYS A 1 15 ? 2.291   8.505   4.735   1.00 70.91  ? 15  LYS A CB  1 
ATOM   111 C  CG  . LYS A 1 15 ? 3.181   8.789   5.940   1.00 82.05  ? 15  LYS A CG  1 
ATOM   112 C  CD  . LYS A 1 15 ? 2.469   9.655   6.980   1.00 80.81  ? 15  LYS A CD  1 
ATOM   113 C  CE  . LYS A 1 15 ? 3.359   10.768  7.522   1.00 87.69  ? 15  LYS A CE  1 
ATOM   114 N  NZ  . LYS A 1 15 ? 4.693   10.304  7.999   1.00 90.47  ? 15  LYS A NZ  1 
ATOM   115 N  N   . ILE A 1 16 ? 1.209   7.679   1.988   1.00 51.02  ? 16  ILE A N   1 
ATOM   116 C  CA  . ILE A 1 16 ? 0.101   7.401   1.081   1.00 47.49  ? 16  ILE A CA  1 
ATOM   117 C  C   . ILE A 1 16 ? 0.344   6.121   0.274   1.00 40.87  ? 16  ILE A C   1 
ATOM   118 O  O   . ILE A 1 16 ? -0.549  5.308   0.112   1.00 41.99  ? 16  ILE A O   1 
ATOM   119 C  CB  . ILE A 1 16 ? -0.131  8.582   0.116   1.00 42.55  ? 16  ILE A CB  1 
ATOM   120 C  CG1 . ILE A 1 16 ? -0.615  9.819   0.888   1.00 59.86  ? 16  ILE A CG1 1 
ATOM   121 C  CG2 . ILE A 1 16 ? -1.125  8.194   -0.957  1.00 39.91  ? 16  ILE A CG2 1 
ATOM   122 C  CD1 . ILE A 1 16 ? -0.334  11.132  0.184   1.00 59.70  ? 16  ILE A CD1 1 
ATOM   123 N  N   . LYS A 1 17 ? 1.566   5.963   -0.242  1.00 43.89  ? 17  LYS A N   1 
ATOM   124 C  CA  . LYS A 1 17 ? 1.934   4.769   -0.988  1.00 50.07  ? 17  LYS A CA  1 
ATOM   125 C  C   . LYS A 1 17 ? 1.744   3.547   -0.099  1.00 37.57  ? 17  LYS A C   1 
ATOM   126 O  O   . LYS A 1 17 ? 1.085   2.590   -0.488  1.00 41.21  ? 17  LYS A O   1 
ATOM   127 C  CB  . LYS A 1 17 ? 3.369   4.875   -1.517  1.00 44.32  ? 17  LYS A CB  1 
ATOM   128 C  CG  . LYS A 1 17 ? 4.073   3.541   -1.722  1.00 70.44  ? 17  LYS A CG  1 
ATOM   129 C  CD  . LYS A 1 17 ? 5.338   3.675   -2.567  1.00 66.70  ? 17  LYS A CD  1 
ATOM   130 C  CE  . LYS A 1 17 ? 6.418   2.691   -2.120  1.00 88.53  ? 17  LYS A CE  1 
ATOM   131 N  NZ  . LYS A 1 17 ? 7.387   2.345   -3.199  1.00 79.14  ? 17  LYS A NZ  1 
ATOM   132 N  N   . GLN A 1 18 ? 2.296   3.609   1.112   1.00 43.47  ? 18  GLN A N   1 
ATOM   133 C  CA  . GLN A 1 18 ? 2.190   2.520   2.076   1.00 52.69  ? 18  GLN A CA  1 
ATOM   134 C  C   . GLN A 1 18 ? 0.745   2.094   2.329   1.00 47.35  ? 18  GLN A C   1 
ATOM   135 O  O   . GLN A 1 18 ? 0.437   0.913   2.299   1.00 48.85  ? 18  GLN A O   1 
ATOM   136 C  CB  . GLN A 1 18 ? 2.892   2.897   3.384   1.00 63.75  ? 18  GLN A CB  1 
ATOM   137 C  CG  . GLN A 1 18 ? 4.412   2.801   3.278   1.00 89.70  ? 18  GLN A CG  1 
ATOM   138 C  CD  . GLN A 1 18 ? 5.166   3.560   4.364   1.00 98.87  ? 18  GLN A CD  1 
ATOM   139 O  OE1 . GLN A 1 18 ? 4.615   4.430   5.042   1.00 102.58 ? 18  GLN A OE1 1 
ATOM   140 N  NE2 . GLN A 1 18 ? 6.446   3.233   4.523   1.00 67.78  ? 18  GLN A NE2 1 
ATOM   141 N  N   . LYS A 1 19 ? -0.146  3.063   2.552   1.00 47.81  ? 19  LYS A N   1 
ATOM   142 C  CA  . LYS A 1 19 ? -1.560  2.768   2.811   1.00 43.74  ? 19  LYS A CA  1 
ATOM   143 C  C   . LYS A 1 19 ? -2.254  2.151   1.600   1.00 42.48  ? 19  LYS A C   1 
ATOM   144 O  O   . LYS A 1 19 ? -2.969  1.160   1.724   1.00 42.86  ? 19  LYS A O   1 
ATOM   145 C  CB  . LYS A 1 19 ? -2.310  4.029   3.236   1.00 60.42  ? 19  LYS A CB  1 
ATOM   146 C  CG  . LYS A 1 19 ? -1.852  4.620   4.561   1.00 63.63  ? 19  LYS A CG  1 
ATOM   147 C  CD  . LYS A 1 19 ? -2.463  5.999   4.775   1.00 72.23  ? 19  LYS A CD  1 
ATOM   148 C  CE  . LYS A 1 19 ? -1.778  6.753   5.899   1.00 82.99  ? 19  LYS A CE  1 
ATOM   149 N  NZ  . LYS A 1 19 ? -2.044  6.127   7.221   1.00 102.87 ? 19  LYS A NZ  1 
ATOM   150 N  N   . LEU A 1 20 ? -2.040  2.746   0.423   1.00 39.44  ? 20  LEU A N   1 
ATOM   151 C  CA  . LEU A 1 20 ? -2.637  2.246   -0.806  1.00 33.80  ? 20  LEU A CA  1 
ATOM   152 C  C   . LEU A 1 20 ? -2.162  0.829   -1.144  1.00 43.21  ? 20  LEU A C   1 
ATOM   153 O  O   . LEU A 1 20 ? -2.931  0.031   -1.668  1.00 44.83  ? 20  LEU A O   1 
ATOM   154 C  CB  . LEU A 1 20 ? -2.321  3.180   -1.973  1.00 42.86  ? 20  LEU A CB  1 
ATOM   155 C  CG  . LEU A 1 20 ? -2.918  4.591   -1.994  1.00 52.37  ? 20  LEU A CG  1 
ATOM   156 C  CD1 . LEU A 1 20 ? -2.434  5.308   -3.254  1.00 48.51  ? 20  LEU A CD1 1 
ATOM   157 C  CD2 . LEU A 1 20 ? -4.445  4.571   -1.927  1.00 47.79  ? 20  LEU A CD2 1 
ATOM   158 N  N   . LYS A 1 21 ? -0.891  0.529   -0.846  1.00 38.87  ? 21  LYS A N   1 
ATOM   159 C  CA  . LYS A 1 21 ? -0.322  -0.806  -1.083  1.00 43.69  ? 21  LYS A CA  1 
ATOM   160 C  C   . LYS A 1 21 ? -0.966  -1.862  -0.195  1.00 35.23  ? 21  LYS A C   1 
ATOM   161 O  O   . LYS A 1 21 ? -1.247  -2.974  -0.642  1.00 42.30  ? 21  LYS A O   1 
ATOM   162 C  CB  . LYS A 1 21 ? 1.188   -0.802  -0.880  1.00 39.80  ? 21  LYS A CB  1 
ATOM   163 C  CG  . LYS A 1 21 ? 1.924   -0.124  -2.019  1.00 52.73  ? 21  LYS A CG  1 
ATOM   164 C  CD  . LYS A 1 21 ? 3.433   -0.210  -1.855  1.00 62.49  ? 21  LYS A CD  1 
ATOM   165 C  CE  . LYS A 1 21 ? 4.166   0.262   -3.102  1.00 64.82  ? 21  LYS A CE  1 
ATOM   166 N  NZ  . LYS A 1 21 ? 3.727   -0.430  -4.345  1.00 80.40  ? 21  LYS A NZ  1 
ATOM   167 N  N   . ALA A 1 22 ? -1.226  -1.494  1.060   1.00 39.54  ? 22  ALA A N   1 
ATOM   168 C  CA  . ALA A 1 22 ? -1.936  -2.361  1.988   1.00 38.16  ? 22  ALA A CA  1 
ATOM   169 C  C   . ALA A 1 22 ? -3.348  -2.705  1.486   1.00 41.71  ? 22  ALA A C   1 
ATOM   170 O  O   . ALA A 1 22 ? -3.786  -3.856  1.618   1.00 43.93  ? 22  ALA A O   1 
ATOM   171 C  CB  . ALA A 1 22 ? -1.971  -1.744  3.372   1.00 41.52  ? 22  ALA A CB  1 
ATOM   172 N  N   . LYS A 1 23 ? -4.030  -1.719  0.881   1.00 44.40  ? 23  LYS A N   1 
ATOM   173 C  CA  . LYS A 1 23 ? -5.366  -1.905  0.290   1.00 42.41  ? 23  LYS A CA  1 
ATOM   174 C  C   . LYS A 1 23 ? -5.341  -2.888  -0.872  1.00 39.79  ? 23  LYS A C   1 
ATOM   175 O  O   . LYS A 1 23 ? -6.117  -3.830  -0.905  1.00 50.07  ? 23  LYS A O   1 
ATOM   176 C  CB  . LYS A 1 23 ? -5.957  -0.579  -0.207  1.00 46.78  ? 23  LYS A CB  1 
ATOM   177 C  CG  . LYS A 1 23 ? -6.298  0.438   0.872   1.00 75.48  ? 23  LYS A CG  1 
ATOM   178 C  CD  . LYS A 1 23 ? -6.922  1.689   0.257   1.00 83.26  ? 23  LYS A CD  1 
ATOM   179 C  CE  . LYS A 1 23 ? -6.988  2.846   1.243   1.00 85.27  ? 23  LYS A CE  1 
ATOM   180 N  NZ  . LYS A 1 23 ? -7.812  2.539   2.444   1.00 86.97  ? 23  LYS A NZ  1 
ATOM   181 N  N   . VAL A 1 24 ? -4.455  -2.628  -1.840  1.00 42.26  ? 24  VAL A N   1 
ATOM   182 C  CA  . VAL A 1 24 ? -4.167  -3.538  -2.946  1.00 41.35  ? 24  VAL A CA  1 
ATOM   183 C  C   . VAL A 1 24 ? -3.914  -4.958  -2.445  1.00 38.99  ? 24  VAL A C   1 
ATOM   184 O  O   . VAL A 1 24 ? -4.541  -5.914  -2.906  1.00 44.59  ? 24  VAL A O   1 
ATOM   185 C  CB  . VAL A 1 24 ? -2.962  -3.024  -3.767  1.00 41.66  ? 24  VAL A CB  1 
ATOM   186 C  CG1 . VAL A 1 24 ? -2.353  -4.117  -4.636  1.00 44.12  ? 24  VAL A CG1 1 
ATOM   187 C  CG2 . VAL A 1 24 ? -3.392  -1.837  -4.619  1.00 33.67  ? 24  VAL A CG2 1 
ATOM   188 N  N   . ASN A 1 25 ? -3.002  -5.080  -1.479  1.00 38.46  ? 25  ASN A N   1 
ATOM   189 C  CA  . ASN A 1 25 ? -2.664  -6.359  -0.880  1.00 42.04  ? 25  ASN A CA  1 
ATOM   190 C  C   . ASN A 1 25 ? -3.910  -7.022  -0.306  1.00 47.29  ? 25  ASN A C   1 
ATOM   191 O  O   . ASN A 1 25 ? -4.149  -8.216  -0.521  1.00 40.83  ? 25  ASN A O   1 
ATOM   192 C  CB  . ASN A 1 25 ? -1.594  -6.183  0.201   1.00 45.76  ? 25  ASN A CB  1 
ATOM   193 C  CG  . ASN A 1 25 ? -1.002  -7.507  0.658   1.00 57.12  ? 25  ASN A CG  1 
ATOM   194 O  OD1 . ASN A 1 25 ? -0.856  -8.439  -0.128  1.00 59.87  ? 25  ASN A OD1 1 
ATOM   195 N  ND2 . ASN A 1 25 ? -0.670  -7.596  1.940   1.00 55.02  ? 25  ASN A ND2 1 
ATOM   196 N  N   . ALA A 1 26 ? -4.727  -6.228  0.395   1.00 44.65  ? 26  ALA A N   1 
ATOM   197 C  CA  . ALA A 1 26 ? -5.999  -6.702  0.919   1.00 39.81  ? 26  ALA A CA  1 
ATOM   198 C  C   . ALA A 1 26 ? -6.898  -7.231  -0.193  1.00 51.01  ? 26  ALA A C   1 
ATOM   199 O  O   . ALA A 1 26 ? -7.471  -8.311  -0.069  1.00 46.37  ? 26  ALA A O   1 
ATOM   200 C  CB  . ALA A 1 26 ? -6.705  -5.605  1.703   1.00 46.93  ? 26  ALA A CB  1 
ATOM   201 N  N   . VAL A 1 27 ? -7.004  -6.475  -1.293  1.00 54.91  ? 27  VAL A N   1 
ATOM   202 C  CA  . VAL A 1 27 ? -7.892  -6.849  -2.396  1.00 45.00  ? 27  VAL A CA  1 
ATOM   203 C  C   . VAL A 1 27 ? -7.369  -8.081  -3.136  1.00 43.08  ? 27  VAL A C   1 
ATOM   204 O  O   . VAL A 1 27 ? -8.139  -8.996  -3.452  1.00 38.70  ? 27  VAL A O   1 
ATOM   205 C  CB  . VAL A 1 27 ? -8.142  -5.675  -3.369  1.00 46.15  ? 27  VAL A CB  1 
ATOM   206 C  CG1 . VAL A 1 27 ? -8.938  -6.136  -4.574  1.00 46.33  ? 27  VAL A CG1 1 
ATOM   207 C  CG2 . VAL A 1 27 ? -8.895  -4.556  -2.666  1.00 46.26  ? 27  VAL A CG2 1 
ATOM   208 N  N   . LYS A 1 28 ? -6.057  -8.108  -3.399  1.00 37.32  ? 28  LYS A N   1 
ATOM   209 C  CA  . LYS A 1 28 ? -5.422  -9.252  -4.061  1.00 45.65  ? 28  LYS A CA  1 
ATOM   210 C  C   . LYS A 1 28 ? -5.589  -10.535 -3.263  1.00 38.81  ? 28  LYS A C   1 
ATOM   211 O  O   . LYS A 1 28 ? -5.794  -11.598 -3.834  1.00 45.85  ? 28  LYS A O   1 
ATOM   212 C  CB  . LYS A 1 28 ? -3.939  -8.997  -4.304  1.00 49.11  ? 28  LYS A CB  1 
ATOM   213 C  CG  . LYS A 1 28 ? -3.652  -8.022  -5.436  1.00 47.18  ? 28  LYS A CG  1 
ATOM   214 C  CD  . LYS A 1 28 ? -2.155  -7.806  -5.626  1.00 67.82  ? 28  LYS A CD  1 
ATOM   215 C  CE  . LYS A 1 28 ? -1.469  -7.486  -4.299  1.00 89.68  ? 28  LYS A CE  1 
ATOM   216 N  NZ  . LYS A 1 28 ? -0.121  -6.872  -4.424  1.00 90.13  ? 28  LYS A NZ  1 
ATOM   217 N  N   . THR A 1 29 ? -5.510  -10.431 -1.934  1.00 53.39  ? 29  THR A N   1 
ATOM   218 C  CA  . THR A 1 29 ? -5.746  -11.575 -1.057  1.00 48.10  ? 29  THR A CA  1 
ATOM   219 C  C   . THR A 1 29 ? -7.111  -12.200 -1.344  1.00 52.84  ? 29  THR A C   1 
ATOM   220 O  O   . THR A 1 29 ? -7.240  -13.421 -1.450  1.00 55.59  ? 29  THR A O   1 
ATOM   221 C  CB  . THR A 1 29 ? -5.672  -11.173 0.422   1.00 41.35  ? 29  THR A CB  1 
ATOM   222 O  OG1 . THR A 1 29 ? -4.402  -10.568 0.678   1.00 49.67  ? 29  THR A OG1 1 
ATOM   223 C  CG2 . THR A 1 29 ? -5.842  -12.383 1.332   1.00 47.36  ? 29  THR A CG2 1 
ATOM   224 N  N   . VAL A 1 30 ? -8.125  -11.345 -1.494  1.00 39.48  ? 30  VAL A N   1 
ATOM   225 C  CA  . VAL A 1 30 ? -9.489  -11.792 -1.692  1.00 45.69  ? 30  VAL A CA  1 
ATOM   226 C  C   . VAL A 1 30 ? -9.666  -12.370 -3.091  1.00 42.47  ? 30  VAL A C   1 
ATOM   227 O  O   . VAL A 1 30 ? -10.366 -13.366 -3.269  1.00 54.55  ? 30  VAL A O   1 
ATOM   228 C  CB  . VAL A 1 30 ? -10.490 -10.664 -1.410  1.00 42.54  ? 30  VAL A CB  1 
ATOM   229 C  CG1 . VAL A 1 30 ? -11.911 -11.130 -1.708  1.00 48.52  ? 30  VAL A CG1 1 
ATOM   230 C  CG2 . VAL A 1 30 ? -10.352 -10.217 0.041   1.00 37.65  ? 30  VAL A CG2 1 
ATOM   231 N  N   . ILE A 1 31 ? -9.001  -11.764 -4.079  1.00 48.87  ? 31  ILE A N   1 
ATOM   232 C  CA  . ILE A 1 31 ? -8.961  -12.323 -5.425  1.00 44.55  ? 31  ILE A CA  1 
ATOM   233 C  C   . ILE A 1 31 ? -8.450  -13.767 -5.354  1.00 37.15  ? 31  ILE A C   1 
ATOM   234 O  O   . ILE A 1 31 ? -8.985  -14.657 -6.028  1.00 41.95  ? 31  ILE A O   1 
ATOM   235 C  CB  . ILE A 1 31 ? -8.109  -11.464 -6.386  1.00 44.94  ? 31  ILE A CB  1 
ATOM   236 C  CG1 . ILE A 1 31 ? -8.817  -10.132 -6.664  1.00 49.86  ? 31  ILE A CG1 1 
ATOM   237 C  CG2 . ILE A 1 31 ? -7.867  -12.194 -7.704  1.00 58.30  ? 31  ILE A CG2 1 
ATOM   238 C  CD1 . ILE A 1 31 ? -7.912  -9.044  -7.207  1.00 38.65  ? 31  ILE A CD1 1 
ATOM   239 N  N   . GLY A 1 32 ? -7.430  -13.990 -4.518  1.00 46.13  ? 32  GLY A N   1 
ATOM   240 C  CA  . GLY A 1 32 ? -6.813  -15.294 -4.350  1.00 37.67  ? 32  GLY A CA  1 
ATOM   241 C  C   . GLY A 1 32 ? -7.787  -16.289 -3.765  1.00 41.70  ? 32  GLY A C   1 
ATOM   242 O  O   . GLY A 1 32 ? -7.828  -17.432 -4.194  1.00 53.57  ? 32  GLY A O   1 
ATOM   243 N  N   . LYS A 1 33 ? -8.583  -15.834 -2.790  1.00 48.23  ? 33  LYS A N   1 
ATOM   244 C  CA  . LYS A 1 33 ? -9.593  -16.663 -2.130  1.00 50.44  ? 33  LYS A CA  1 
ATOM   245 C  C   . LYS A 1 33 ? -10.634 -17.218 -3.109  1.00 54.07  ? 33  LYS A C   1 
ATOM   246 O  O   . LYS A 1 33 ? -10.971 -18.406 -3.048  1.00 53.40  ? 33  LYS A O   1 
ATOM   247 C  CB  . LYS A 1 33 ? -10.285 -15.884 -1.000  1.00 54.52  ? 33  LYS A CB  1 
ATOM   248 C  CG  . LYS A 1 33 ? -11.101 -16.741 -0.044  1.00 53.45  ? 33  LYS A CG  1 
ATOM   249 C  CD  . LYS A 1 33 ? -10.197 -17.614 0.820   1.00 62.70  ? 33  LYS A CD  1 
ATOM   250 C  CE  . LYS A 1 33 ? -10.903 -18.879 1.288   1.00 56.47  ? 33  LYS A CE  1 
ATOM   251 N  NZ  . LYS A 1 33 ? -9.955  -19.998 1.560   1.00 63.60  ? 33  LYS A NZ  1 
ATOM   252 N  N   . ILE A 1 34 ? -11.134 -16.360 -4.009  1.00 57.65  ? 34  ILE A N   1 
ATOM   253 C  CA  . ILE A 1 34 ? -12.166 -16.756 -4.967  1.00 63.17  ? 34  ILE A CA  1 
ATOM   254 C  C   . ILE A 1 34 ? -11.593 -17.532 -6.151  1.00 55.40  ? 34  ILE A C   1 
ATOM   255 O  O   . ILE A 1 34 ? -12.298 -18.325 -6.771  1.00 83.37  ? 34  ILE A O   1 
ATOM   256 C  CB  . ILE A 1 34 ? -13.024 -15.562 -5.469  1.00 67.24  ? 34  ILE A CB  1 
ATOM   257 C  CG1 . ILE A 1 34 ? -12.254 -14.672 -6.450  1.00 65.92  ? 34  ILE A CG1 1 
ATOM   258 C  CG2 . ILE A 1 34 ? -13.539 -14.743 -4.295  1.00 61.86  ? 34  ILE A CG2 1 
ATOM   259 C  CD1 . ILE A 1 34 ? -13.152 -13.704 -7.189  1.00 77.79  ? 34  ILE A CD1 1 
ATOM   260 N  N   . SER A 1 35 ? -10.309 -17.305 -6.453  1.00 53.39  ? 35  SER A N   1 
ATOM   261 C  CA  . SER A 1 35 ? -9.599  -18.067 -7.486  1.00 48.31  ? 35  SER A CA  1 
ATOM   262 C  C   . SER A 1 35 ? -9.325  -19.535 -7.096  1.00 50.35  ? 35  SER A C   1 
ATOM   263 O  O   . SER A 1 35 ? -8.911  -20.323 -7.936  1.00 64.23  ? 35  SER A O   1 
ATOM   264 C  CB  . SER A 1 35 ? -8.291  -17.369 -7.860  1.00 54.48  ? 35  SER A CB  1 
ATOM   265 O  OG  . SER A 1 35 ? -8.543  -16.112 -8.463  1.00 63.83  ? 35  SER A OG  1 
ATOM   266 N  N   . GLU A 1 36 ? -9.543  -19.882 -5.822  1.00 47.03  ? 36  GLU A N   1 
ATOM   267 C  CA  . GLU A 1 36 ? -9.494  -21.271 -5.353  1.00 50.03  ? 36  GLU A CA  1 
ATOM   268 C  C   . GLU A 1 36 ? -10.687 -22.063 -5.872  1.00 61.60  ? 36  GLU A C   1 
ATOM   269 O  O   . GLU A 1 36 ? -11.833 -21.631 -5.723  1.00 71.00  ? 36  GLU A O   1 
ATOM   270 C  CB  . GLU A 1 36 ? -9.542  -21.335 -3.827  1.00 66.65  ? 36  GLU A CB  1 
ATOM   271 C  CG  . GLU A 1 36 ? -8.357  -20.705 -3.123  1.00 59.82  ? 36  GLU A CG  1 
ATOM   272 C  CD  . GLU A 1 36 ? -8.464  -20.770 -1.608  1.00 58.45  ? 36  GLU A CD  1 
ATOM   273 O  OE1 . GLU A 1 36 ? -9.570  -20.982 -1.062  1.00 49.93  ? 36  GLU A OE1 1 
ATOM   274 O  OE2 . GLU A 1 36 ? -7.424  -20.600 -0.954  1.00 57.79  ? 36  GLU A OE2 1 
ATOM   275 N  N   . HIS A 1 37 ? -10.411 -23.230 -6.465  1.00 73.99  ? 37  HIS A N   1 
ATOM   276 C  CA  . HIS A 1 37 ? -11.448 -24.181 -6.857  1.00 79.36  ? 37  HIS A CA  1 
ATOM   277 C  C   . HIS A 1 37 ? -11.895 -24.917 -5.606  1.00 68.36  ? 37  HIS A C   1 
ATOM   278 O  O   . HIS A 1 37 ? -11.108 -25.079 -4.674  1.00 60.05  ? 37  HIS A O   1 
ATOM   279 C  CB  . HIS A 1 37 ? -10.931 -25.168 -7.907  1.00 95.48  ? 37  HIS A CB  1 
ATOM   280 C  CG  . HIS A 1 37 ? -10.635 -24.535 -9.231  1.00 115.45 ? 37  HIS A CG  1 
ATOM   281 N  ND1 . HIS A 1 37 ? -9.513  -24.843 -9.970  1.00 122.43 ? 37  HIS A ND1 1 
ATOM   282 C  CD2 . HIS A 1 37 ? -11.306 -23.596 -9.942  1.00 118.52 ? 37  HIS A CD2 1 
ATOM   283 C  CE1 . HIS A 1 37 ? -9.512  -24.131 -11.083 1.00 127.34 ? 37  HIS A CE1 1 
ATOM   284 N  NE2 . HIS A 1 37 ? -10.587 -23.363 -11.088 1.00 113.44 ? 37  HIS A NE2 1 
ATOM   285 N  N   . LEU A 1 38 ? -13.165 -25.341 -5.583  1.00 71.46  ? 38  LEU A N   1 
ATOM   286 C  CA  . LEU A 1 38 ? -13.749 -25.998 -4.414  1.00 86.44  ? 38  LEU A CA  1 
ATOM   287 C  C   . LEU A 1 38 ? -13.172 -27.408 -4.258  1.00 72.43  ? 38  LEU A C   1 
ATOM   288 O  O   . LEU A 1 38 ? -13.119 -28.172 -5.222  1.00 64.21  ? 38  LEU A O   1 
ATOM   289 C  CB  . LEU A 1 38 ? -15.283 -26.042 -4.506  1.00 78.79  ? 38  LEU A CB  1 
ATOM   290 C  CG  . LEU A 1 38 ? -16.008 -24.692 -4.433  1.00 92.60  ? 38  LEU A CG  1 
ATOM   291 C  CD1 . LEU A 1 38 ? -17.505 -24.876 -4.644  1.00 103.68 ? 38  LEU A CD1 1 
ATOM   292 C  CD2 . LEU A 1 38 ? -15.736 -23.976 -3.115  1.00 81.01  ? 38  LEU A CD2 1 
ATOM   293 N  N   . GLY A 1 39 ? -12.716 -27.722 -3.041  1.00 87.79  ? 39  GLY A N   1 
ATOM   294 C  CA  . GLY A 1 39 ? -12.147 -29.016 -2.700  1.00 114.94 ? 39  GLY A CA  1 
ATOM   295 C  C   . GLY A 1 39 ? -10.639 -28.944 -2.551  1.00 122.92 ? 39  GLY A C   1 
ATOM   296 O  O   . GLY A 1 39 ? -9.925  -28.573 -3.486  1.00 100.24 ? 39  GLY A O   1 
ATOM   297 O  OXT . GLY A 1 39 ? -10.095 -29.254 -1.490  1.00 152.80 ? 39  GLY A OXT 1 
HETATM 298 CL CL  . CL  B 2 .  ? 1.459   -6.104  -5.907  1.00 71.82  ? 101 CL  A CL  1 
HETATM 299 CL CL  . CL  C 2 .  ? -4.453  8.045   1.442   0.50 81.97  ? 102 CL  A CL  1 
HETATM 300 O  O   . HOH D 3 .  ? 18.358  25.181  3.986   1.00 53.50  ? 201 HOH A O   1 
HETATM 301 O  O   . HOH D 3 .  ? 6.756   8.603   5.528   1.00 56.54  ? 202 HOH A O   1 
HETATM 302 O  O   . HOH D 3 .  ? -8.565  -21.149 -10.561 1.00 58.30  ? 203 HOH A O   1 
HETATM 303 O  O   . HOH D 3 .  ? 6.086   15.241  5.826   1.00 59.35  ? 204 HOH A O   1 
HETATM 304 O  O   . HOH D 3 .  ? 10.432  1.937   -2.525  1.00 71.84  ? 205 HOH A O   1 
HETATM 305 O  O   . HOH D 3 .  ? 0.838   1.251   5.687   1.00 70.84  ? 206 HOH A O   1 
HETATM 306 O  O   . HOH D 3 .  ? -6.265  5.693   2.109   1.00 67.36  ? 207 HOH A O   1 
HETATM 307 O  O   . HOH D 3 .  ? 9.849   16.509  -3.945  1.00 62.83  ? 208 HOH A O   1 
HETATM 308 O  O   . HOH D 3 .  ? 11.296  3.873   -0.837  1.00 85.33  ? 209 HOH A O   1 
HETATM 309 O  O   . HOH D 3 .  ? 8.504   -1.281  -3.560  0.33 75.25  ? 210 HOH A O   1 
HETATM 310 O  O   . HOH D 3 .  ? -9.211  3.516   -1.157  1.00 60.30  ? 211 HOH A O   1 
# 
